data_8SPB
#
_entry.id   8SPB
#
_cell.length_a   1.00
_cell.length_b   1.00
_cell.length_c   1.00
_cell.angle_alpha   90.00
_cell.angle_beta   90.00
_cell.angle_gamma   90.00
#
_symmetry.space_group_name_H-M   'P 1'
#
loop_
_entity.id
_entity.type
_entity.pdbx_description
1 polymer 'Caspase-4 subunit p20'
2 polymer 'Caspase-4 subunit p10'
3 polymer Interleukin-18
#
loop_
_entity_poly.entity_id
_entity_poly.type
_entity_poly.pdbx_seq_one_letter_code
_entity_poly.pdbx_strand_id
1 'polypeptide(L)'
;MGSSHHHHHHSSGLVPRGSHMENLYFQGGSAGPPESGESTDALKLCPHEEFLRLCKERAEEIYPIKERNNRTRLALIICN
TEFDHLPPRNGADFDITGMKELLEGLDYSVDVEENLTARDMESALRAFATRPEHKSSDSTFLVLMSHGILEGICGTVHDE
KKPDVLLYDTIFQIFNNRNCLSLKDKPKVIIVQAARGANRGELWVRD
;
A,a
2 'polypeptide(L)'
;MGASAVYKTHVEKDFIAFCSSTPHNVSWRDSTMGSIFITQLITCFQKYSWCCHLEEVFRKVQQSFETPRAKAQMPTIERL
SMTRYFYLFPGN
;
B,b
3 'polypeptide(L)'
;VEDNCINFVAMKFIDNTLYFIAEDDENLESDYFGKLESKLSVIRNLNDQVLFIDQGNRPLFEDMTDSDCRDNAPRTIFII
SMYKDSQPRGMAVTISVKCEKISTLSCENKIISFKEMNPPDNIKDTKSDIIFFQRSVPGHDNKMQFESSSYEGYFLACEK
ERDLFKLILKKEDELGDRSIMFTVQNED
;
C,c
#
# COMPACT_ATOMS: atom_id res chain seq x y z
N ALA A 42 -23.39 6.65 21.68
CA ALA A 42 -23.38 7.94 21.00
C ALA A 42 -21.96 8.32 20.59
N LEU A 43 -21.80 9.54 20.08
CA LEU A 43 -20.51 10.06 19.67
C LEU A 43 -20.14 11.20 20.62
N LYS A 44 -18.95 11.10 21.21
CA LYS A 44 -18.49 12.14 22.14
C LYS A 44 -18.14 13.40 21.37
N LEU A 45 -18.75 14.51 21.75
CA LEU A 45 -18.53 15.78 21.06
C LEU A 45 -17.24 16.42 21.55
N CYS A 46 -16.44 16.93 20.62
CA CYS A 46 -15.20 17.61 20.98
C CYS A 46 -15.51 18.98 21.56
N PRO A 47 -15.04 19.31 22.76
CA PRO A 47 -15.31 20.63 23.33
C PRO A 47 -14.64 21.74 22.53
N HIS A 48 -15.22 22.94 22.64
CA HIS A 48 -14.73 24.08 21.90
C HIS A 48 -13.34 24.52 22.34
N GLU A 49 -12.89 24.08 23.51
CA GLU A 49 -11.56 24.47 23.99
C GLU A 49 -10.47 23.96 23.04
N GLU A 50 -10.49 22.66 22.73
CA GLU A 50 -9.48 22.07 21.86
C GLU A 50 -9.46 22.68 20.48
N PHE A 51 -10.62 23.09 19.96
CA PHE A 51 -10.67 23.69 18.62
C PHE A 51 -9.79 24.93 18.55
N LEU A 52 -9.93 25.85 19.50
CA LEU A 52 -9.10 27.04 19.51
C LEU A 52 -7.68 26.71 19.95
N ARG A 53 -7.51 25.71 20.81
CA ARG A 53 -6.20 25.40 21.36
C ARG A 53 -5.27 24.73 20.35
N LEU A 54 -5.82 24.02 19.36
CA LEU A 54 -4.99 23.21 18.47
C LEU A 54 -4.51 23.96 17.23
N CYS A 55 -5.41 24.60 16.49
CA CYS A 55 -5.04 25.19 15.20
C CYS A 55 -4.00 26.28 15.34
N LYS A 56 -4.12 27.10 16.38
CA LYS A 56 -3.14 28.18 16.58
C LYS A 56 -1.75 27.62 16.87
N GLU A 57 -1.69 26.48 17.57
CA GLU A 57 -0.41 25.92 17.98
C GLU A 57 0.16 24.93 16.97
N ARG A 58 -0.67 24.39 16.08
CA ARG A 58 -0.22 23.39 15.11
C ARG A 58 -0.77 23.71 13.73
N ALA A 59 -0.69 24.97 13.34
CA ALA A 59 -1.23 25.39 12.04
C ALA A 59 -0.49 24.71 10.89
N GLU A 60 0.83 24.63 10.98
CA GLU A 60 1.63 24.08 9.88
C GLU A 60 1.71 22.56 9.90
N GLU A 61 1.16 21.91 10.93
CA GLU A 61 1.22 20.46 11.04
C GLU A 61 -0.13 19.77 10.88
N ILE A 62 -1.24 20.53 10.84
CA ILE A 62 -2.57 19.96 10.70
C ILE A 62 -3.27 20.65 9.52
N TYR A 63 -4.30 19.98 9.03
CA TYR A 63 -5.08 20.53 7.92
C TYR A 63 -5.95 21.69 8.41
N PRO A 64 -6.29 22.62 7.53
CA PRO A 64 -7.15 23.73 7.93
C PRO A 64 -8.61 23.36 7.96
N ILE A 65 -9.35 24.00 8.86
CA ILE A 65 -10.78 23.78 9.03
C ILE A 65 -11.48 25.11 8.80
N LYS A 66 -12.47 25.11 7.91
CA LYS A 66 -13.21 26.34 7.61
C LYS A 66 -14.44 26.47 8.49
N GLU A 67 -15.17 27.57 8.31
CA GLU A 67 -16.30 27.90 9.17
C GLU A 67 -17.42 26.87 9.02
N ARG A 68 -18.15 26.68 10.12
CA ARG A 68 -19.21 25.68 10.16
C ARG A 68 -20.31 25.98 9.14
N ASN A 69 -20.74 27.24 9.06
CA ASN A 69 -21.90 27.57 8.23
C ASN A 69 -21.59 27.38 6.75
N ASN A 70 -20.48 27.94 6.28
CA ASN A 70 -20.17 27.91 4.85
C ASN A 70 -19.64 26.56 4.38
N ARG A 71 -19.12 25.74 5.30
CA ARG A 71 -18.53 24.47 4.90
C ARG A 71 -19.61 23.47 4.49
N THR A 72 -19.45 22.87 3.33
CA THR A 72 -20.36 21.83 2.83
C THR A 72 -19.51 20.59 2.55
N ARG A 73 -19.29 19.78 3.57
CA ARG A 73 -18.53 18.55 3.41
C ARG A 73 -19.36 17.51 2.65
N LEU A 74 -18.67 16.68 1.88
CA LEU A 74 -19.31 15.63 1.11
C LEU A 74 -18.60 14.31 1.33
N ALA A 75 -19.38 13.25 1.51
CA ALA A 75 -18.86 11.90 1.66
C ALA A 75 -19.68 10.96 0.80
N LEU A 76 -19.07 9.85 0.43
CA LEU A 76 -19.73 8.85 -0.43
C LEU A 76 -19.69 7.51 0.28
N ILE A 77 -20.85 6.89 0.44
CA ILE A 77 -20.98 5.57 1.04
C ILE A 77 -21.51 4.64 -0.03
N ILE A 78 -20.73 3.61 -0.35
CA ILE A 78 -21.10 2.66 -1.40
C ILE A 78 -21.05 1.26 -0.80
N CYS A 79 -22.13 0.51 -0.97
CA CYS A 79 -22.19 -0.87 -0.51
C CYS A 79 -22.85 -1.73 -1.59
N ASN A 80 -22.49 -3.01 -1.59
CA ASN A 80 -23.10 -3.99 -2.48
C ASN A 80 -23.72 -5.08 -1.63
N THR A 81 -25.02 -5.28 -1.77
CA THR A 81 -25.75 -6.27 -0.99
C THR A 81 -26.27 -7.42 -1.83
N GLU A 82 -27.02 -7.13 -2.89
CA GLU A 82 -27.55 -8.14 -3.79
C GLU A 82 -26.64 -8.28 -5.01
N PHE A 83 -26.30 -9.51 -5.34
CA PHE A 83 -25.39 -9.80 -6.43
C PHE A 83 -26.08 -10.72 -7.43
N ASP A 84 -25.34 -11.13 -8.46
CA ASP A 84 -25.84 -12.05 -9.46
C ASP A 84 -25.10 -13.38 -9.49
N HIS A 85 -23.89 -13.45 -8.93
CA HIS A 85 -23.15 -14.70 -8.86
C HIS A 85 -22.51 -14.93 -7.50
N LEU A 86 -22.81 -14.11 -6.50
CA LEU A 86 -22.14 -14.13 -5.22
C LEU A 86 -23.18 -14.16 -4.10
N PRO A 87 -22.83 -14.72 -2.94
CA PRO A 87 -23.78 -14.77 -1.84
C PRO A 87 -24.01 -13.39 -1.25
N PRO A 88 -25.25 -13.07 -0.86
CA PRO A 88 -25.54 -11.72 -0.35
C PRO A 88 -24.82 -11.44 0.95
N ARG A 89 -24.46 -10.16 1.13
CA ARG A 89 -23.81 -9.71 2.36
C ARG A 89 -24.88 -9.30 3.38
N ASN A 90 -25.48 -10.32 3.99
CA ASN A 90 -26.49 -10.09 5.02
C ASN A 90 -25.88 -9.33 6.19
N GLY A 91 -26.60 -8.33 6.67
CA GLY A 91 -26.10 -7.45 7.71
C GLY A 91 -25.48 -6.17 7.21
N ALA A 92 -25.29 -6.03 5.89
CA ALA A 92 -24.74 -4.78 5.36
C ALA A 92 -25.68 -3.62 5.57
N ASP A 93 -26.99 -3.88 5.68
CA ASP A 93 -27.95 -2.82 5.93
C ASP A 93 -27.72 -2.15 7.28
N PHE A 94 -27.37 -2.93 8.30
CA PHE A 94 -26.99 -2.34 9.58
C PHE A 94 -25.73 -1.49 9.43
N ASP A 95 -24.77 -1.98 8.65
CA ASP A 95 -23.50 -1.28 8.48
C ASP A 95 -23.71 0.07 7.81
N ILE A 96 -24.56 0.11 6.77
CA ILE A 96 -24.84 1.35 6.07
C ILE A 96 -25.46 2.37 7.02
N THR A 97 -26.44 1.92 7.82
CA THR A 97 -27.10 2.83 8.75
C THR A 97 -26.12 3.37 9.78
N GLY A 98 -25.28 2.51 10.34
CA GLY A 98 -24.31 2.98 11.33
C GLY A 98 -23.31 3.95 10.75
N MET A 99 -22.76 3.64 9.57
CA MET A 99 -21.79 4.51 8.93
C MET A 99 -22.42 5.85 8.55
N LYS A 100 -23.64 5.82 8.03
CA LYS A 100 -24.33 7.06 7.67
C LYS A 100 -24.58 7.92 8.90
N GLU A 101 -25.02 7.31 10.01
CA GLU A 101 -25.22 8.07 11.24
C GLU A 101 -23.93 8.67 11.75
N LEU A 102 -22.83 7.91 11.74
CA LEU A 102 -21.55 8.45 12.20
C LEU A 102 -21.08 9.60 11.32
N LEU A 103 -21.16 9.43 10.00
CA LEU A 103 -20.69 10.46 9.08
C LEU A 103 -21.55 11.72 9.18
N GLU A 104 -22.87 11.55 9.33
CA GLU A 104 -23.74 12.71 9.54
C GLU A 104 -23.39 13.40 10.85
N GLY A 105 -23.04 12.63 11.88
CA GLY A 105 -22.53 13.23 13.10
C GLY A 105 -21.24 14.00 12.86
N LEU A 106 -20.44 13.58 11.89
CA LEU A 106 -19.24 14.30 11.49
C LEU A 106 -19.51 15.41 10.48
N ASP A 107 -20.78 15.73 10.22
CA ASP A 107 -21.18 16.80 9.32
C ASP A 107 -20.71 16.54 7.89
N TYR A 108 -21.22 15.44 7.33
CA TYR A 108 -20.97 15.10 5.94
C TYR A 108 -22.31 14.89 5.23
N SER A 109 -22.47 15.51 4.07
CA SER A 109 -23.66 15.32 3.24
C SER A 109 -23.51 13.99 2.52
N VAL A 110 -23.84 12.91 3.22
CA VAL A 110 -23.57 11.57 2.75
C VAL A 110 -24.51 11.23 1.59
N ASP A 111 -23.93 10.71 0.51
CA ASP A 111 -24.68 10.12 -0.59
C ASP A 111 -24.51 8.62 -0.54
N VAL A 112 -25.62 7.88 -0.54
CA VAL A 112 -25.61 6.44 -0.37
C VAL A 112 -25.98 5.79 -1.70
N GLU A 113 -25.12 4.87 -2.16
CA GLU A 113 -25.35 4.12 -3.38
C GLU A 113 -25.29 2.64 -3.06
N GLU A 114 -25.94 1.83 -3.90
CA GLU A 114 -26.01 0.40 -3.66
C GLU A 114 -26.24 -0.34 -4.97
N ASN A 115 -25.62 -1.52 -5.09
CA ASN A 115 -25.75 -2.40 -6.25
C ASN A 115 -25.43 -1.67 -7.55
N LEU A 116 -24.16 -1.25 -7.66
CA LEU A 116 -23.66 -0.55 -8.83
C LEU A 116 -22.56 -1.39 -9.48
N THR A 117 -22.64 -1.54 -10.80
CA THR A 117 -21.62 -2.24 -11.56
C THR A 117 -20.33 -1.41 -11.58
N ALA A 118 -19.25 -2.02 -12.06
CA ALA A 118 -17.96 -1.32 -12.12
C ALA A 118 -18.06 -0.07 -12.99
N ARG A 119 -18.76 -0.16 -14.11
CA ARG A 119 -19.02 1.03 -14.90
C ARG A 119 -19.79 2.06 -14.08
N ASP A 120 -20.86 1.63 -13.41
CA ASP A 120 -21.58 2.50 -12.50
C ASP A 120 -20.74 2.90 -11.30
N MET A 121 -19.86 2.00 -10.83
CA MET A 121 -18.92 2.35 -9.77
C MET A 121 -18.13 3.59 -10.15
N GLU A 122 -17.43 3.54 -11.28
CA GLU A 122 -16.61 4.65 -11.72
C GLU A 122 -17.44 5.88 -12.06
N SER A 123 -18.62 5.68 -12.66
CA SER A 123 -19.46 6.83 -12.99
C SER A 123 -19.90 7.56 -11.74
N ALA A 124 -20.34 6.84 -10.71
CA ALA A 124 -20.75 7.47 -9.47
C ALA A 124 -19.57 8.14 -8.78
N LEU A 125 -18.40 7.50 -8.78
CA LEU A 125 -17.23 8.10 -8.16
C LEU A 125 -16.85 9.40 -8.86
N ARG A 126 -16.86 9.40 -10.20
CA ARG A 126 -16.51 10.60 -10.94
C ARG A 126 -17.55 11.70 -10.72
N ALA A 127 -18.83 11.35 -10.71
CA ALA A 127 -19.88 12.34 -10.47
C ALA A 127 -19.73 12.94 -9.08
N PHE A 128 -19.39 12.12 -8.08
CA PHE A 128 -19.13 12.64 -6.75
C PHE A 128 -17.89 13.53 -6.72
N ALA A 129 -16.91 13.23 -7.56
CA ALA A 129 -15.68 14.01 -7.58
C ALA A 129 -15.88 15.41 -8.15
N THR A 130 -16.75 15.55 -9.15
CA THR A 130 -16.95 16.82 -9.84
C THR A 130 -18.08 17.66 -9.25
N ARG A 131 -18.60 17.28 -8.09
CA ARG A 131 -19.68 18.03 -7.48
C ARG A 131 -19.20 19.44 -7.13
N PRO A 132 -19.95 20.49 -7.46
CA PRO A 132 -19.48 21.85 -7.19
C PRO A 132 -19.31 22.17 -5.72
N GLU A 133 -19.96 21.41 -4.82
CA GLU A 133 -19.83 21.67 -3.39
C GLU A 133 -18.45 21.35 -2.85
N HIS A 134 -17.62 20.63 -3.60
CA HIS A 134 -16.27 20.32 -3.12
C HIS A 134 -15.42 21.56 -2.99
N LYS A 135 -15.71 22.61 -3.77
CA LYS A 135 -14.95 23.85 -3.64
C LYS A 135 -15.10 24.44 -2.26
N SER A 136 -16.32 24.46 -1.73
CA SER A 136 -16.56 24.89 -0.35
C SER A 136 -16.19 23.81 0.67
N SER A 137 -15.96 22.58 0.23
CA SER A 137 -15.59 21.50 1.13
C SER A 137 -14.12 21.61 1.53
N ASP A 138 -13.75 20.85 2.56
CA ASP A 138 -12.37 20.82 3.02
C ASP A 138 -11.85 19.42 3.34
N SER A 139 -12.66 18.38 3.12
CA SER A 139 -12.23 16.99 3.27
C SER A 139 -13.21 16.12 2.52
N THR A 140 -12.98 14.81 2.55
CA THR A 140 -13.92 13.87 1.96
C THR A 140 -13.70 12.49 2.58
N PHE A 141 -14.73 11.66 2.48
CA PHE A 141 -14.69 10.30 2.98
C PHE A 141 -15.24 9.37 1.92
N LEU A 142 -14.49 8.31 1.61
CA LEU A 142 -14.92 7.31 0.64
C LEU A 142 -15.07 5.99 1.39
N VAL A 143 -16.31 5.64 1.72
CA VAL A 143 -16.60 4.41 2.44
C VAL A 143 -17.12 3.40 1.43
N LEU A 144 -16.38 2.31 1.25
CA LEU A 144 -16.74 1.25 0.33
C LEU A 144 -16.85 -0.06 1.09
N MET A 145 -17.78 -0.92 0.65
CA MET A 145 -17.98 -2.21 1.29
C MET A 145 -18.62 -3.15 0.29
N SER A 146 -17.89 -4.18 -0.13
CA SER A 146 -18.40 -5.18 -1.06
C SER A 146 -17.48 -6.39 -0.98
N HIS A 147 -17.76 -7.37 -1.84
CA HIS A 147 -16.79 -8.43 -2.08
C HIS A 147 -15.65 -7.91 -2.94
N GLY A 148 -14.50 -8.55 -2.83
CA GLY A 148 -13.36 -8.06 -3.59
C GLY A 148 -12.18 -9.00 -3.50
N ILE A 149 -11.13 -8.64 -4.24
CA ILE A 149 -9.87 -9.37 -4.28
C ILE A 149 -8.73 -8.39 -4.02
N LEU A 150 -7.49 -8.87 -4.16
CA LEU A 150 -6.34 -8.01 -3.92
C LEU A 150 -6.34 -6.81 -4.86
N GLU A 151 -6.71 -7.02 -6.13
CA GLU A 151 -6.70 -5.94 -7.10
C GLU A 151 -7.66 -4.81 -6.69
N GLY A 152 -8.87 -5.17 -6.27
CA GLY A 152 -9.83 -4.15 -5.90
C GLY A 152 -11.12 -4.66 -5.28
N ILE A 153 -12.23 -3.97 -5.57
CA ILE A 153 -13.54 -4.28 -5.00
C ILE A 153 -14.44 -4.76 -6.14
N CYS A 154 -15.10 -5.89 -5.93
CA CYS A 154 -15.97 -6.47 -6.93
C CYS A 154 -17.28 -5.69 -7.03
N GLY A 155 -17.91 -5.79 -8.20
CA GLY A 155 -19.17 -5.12 -8.43
C GLY A 155 -20.38 -5.97 -8.08
N THR A 156 -21.37 -6.01 -8.97
CA THR A 156 -22.57 -6.79 -8.74
C THR A 156 -22.78 -7.91 -9.74
N VAL A 157 -21.97 -7.97 -10.81
CA VAL A 157 -22.09 -9.03 -11.80
C VAL A 157 -20.75 -9.74 -11.93
N HIS A 158 -19.97 -9.74 -10.85
CA HIS A 158 -18.66 -10.38 -10.87
C HIS A 158 -18.79 -11.88 -11.01
N ASP A 159 -17.80 -12.49 -11.67
CA ASP A 159 -17.75 -13.93 -11.86
C ASP A 159 -16.30 -14.34 -12.02
N GLU A 160 -16.04 -15.63 -11.78
CA GLU A 160 -14.70 -16.17 -11.98
C GLU A 160 -14.29 -16.11 -13.44
N LYS A 161 -15.23 -16.40 -14.35
CA LYS A 161 -14.98 -16.34 -15.77
C LYS A 161 -15.25 -14.95 -16.37
N LYS A 162 -15.93 -14.08 -15.63
CA LYS A 162 -16.24 -12.73 -16.08
C LYS A 162 -15.79 -11.76 -15.00
N PRO A 163 -14.51 -11.40 -14.98
CA PRO A 163 -14.01 -10.50 -13.95
C PRO A 163 -14.70 -9.14 -14.01
N ASP A 164 -14.96 -8.58 -12.83
CA ASP A 164 -15.58 -7.27 -12.72
C ASP A 164 -15.19 -6.73 -11.36
N VAL A 165 -14.30 -5.74 -11.34
CA VAL A 165 -13.72 -5.26 -10.08
C VAL A 165 -13.17 -3.87 -10.31
N LEU A 166 -13.40 -2.99 -9.33
CA LEU A 166 -12.86 -1.63 -9.34
C LEU A 166 -11.52 -1.64 -8.63
N LEU A 167 -10.45 -1.39 -9.36
CA LEU A 167 -9.11 -1.45 -8.80
C LEU A 167 -8.84 -0.26 -7.90
N TYR A 168 -7.91 -0.44 -6.95
CA TYR A 168 -7.51 0.65 -6.08
C TYR A 168 -6.82 1.76 -6.87
N ASP A 169 -6.10 1.40 -7.93
CA ASP A 169 -5.47 2.40 -8.78
C ASP A 169 -6.50 3.35 -9.38
N THR A 170 -7.64 2.80 -9.83
CA THR A 170 -8.66 3.63 -10.45
C THR A 170 -9.24 4.64 -9.46
N ILE A 171 -9.63 4.19 -8.26
CA ILE A 171 -10.23 5.09 -7.30
C ILE A 171 -9.21 6.12 -6.80
N PHE A 172 -7.94 5.71 -6.63
CA PHE A 172 -6.92 6.68 -6.24
C PHE A 172 -6.62 7.67 -7.35
N GLN A 173 -6.73 7.25 -8.61
CA GLN A 173 -6.45 8.14 -9.73
C GLN A 173 -7.59 9.12 -9.97
N ILE A 174 -8.83 8.72 -9.67
CA ILE A 174 -9.97 9.59 -9.93
C ILE A 174 -9.90 10.83 -9.02
N PHE A 175 -9.44 10.66 -7.79
CA PHE A 175 -9.46 11.74 -6.80
C PHE A 175 -8.14 12.49 -6.67
N ASN A 176 -7.16 12.22 -7.53
CA ASN A 176 -5.87 12.86 -7.38
C ASN A 176 -5.95 14.32 -7.82
N ASN A 177 -4.84 15.03 -7.68
CA ASN A 177 -4.80 16.45 -8.02
C ASN A 177 -4.92 16.71 -9.51
N ARG A 178 -4.81 15.67 -10.35
CA ARG A 178 -4.90 15.84 -11.79
C ARG A 178 -6.33 15.79 -12.30
N ASN A 179 -7.13 14.85 -11.81
CA ASN A 179 -8.49 14.67 -12.31
C ASN A 179 -9.53 15.41 -11.49
N CYS A 180 -9.27 15.65 -10.20
CA CYS A 180 -10.19 16.37 -9.32
C CYS A 180 -9.45 17.59 -8.79
N LEU A 181 -9.50 18.69 -9.55
CA LEU A 181 -8.80 19.91 -9.16
C LEU A 181 -9.42 20.55 -7.92
N SER A 182 -10.66 20.19 -7.58
CA SER A 182 -11.36 20.81 -6.46
C SER A 182 -11.01 20.18 -5.11
N LEU A 183 -10.20 19.13 -5.08
CA LEU A 183 -9.85 18.44 -3.85
C LEU A 183 -8.37 18.59 -3.51
N LYS A 184 -7.75 19.68 -3.97
CA LYS A 184 -6.32 19.87 -3.74
C LYS A 184 -6.05 20.23 -2.29
N ASP A 185 -4.94 19.70 -1.76
CA ASP A 185 -4.38 20.06 -0.47
C ASP A 185 -5.32 19.76 0.70
N LYS A 186 -6.22 18.80 0.54
CA LYS A 186 -7.07 18.36 1.64
C LYS A 186 -7.24 16.85 1.58
N PRO A 187 -7.41 16.20 2.74
CA PRO A 187 -7.33 14.73 2.78
C PRO A 187 -8.44 14.08 1.98
N LYS A 188 -8.14 12.90 1.45
CA LYS A 188 -9.09 12.05 0.76
C LYS A 188 -9.07 10.70 1.47
N VAL A 189 -9.87 10.58 2.53
CA VAL A 189 -9.88 9.37 3.34
C VAL A 189 -10.73 8.31 2.67
N ILE A 190 -10.17 7.13 2.48
CA ILE A 190 -10.84 6.01 1.82
C ILE A 190 -10.99 4.88 2.82
N ILE A 191 -12.21 4.41 3.02
CA ILE A 191 -12.52 3.30 3.90
C ILE A 191 -13.03 2.16 3.04
N VAL A 192 -12.38 1.00 3.15
CA VAL A 192 -12.70 -0.17 2.33
C VAL A 192 -13.00 -1.34 3.25
N GLN A 193 -14.12 -2.01 3.00
CA GLN A 193 -14.49 -3.24 3.70
C GLN A 193 -14.70 -4.31 2.64
N ALA A 194 -13.64 -5.04 2.32
CA ALA A 194 -13.69 -6.06 1.29
C ALA A 194 -12.59 -7.09 1.58
N ALA A 195 -12.60 -8.16 0.80
CA ALA A 195 -11.60 -9.20 0.90
C ALA A 195 -10.47 -8.92 -0.09
N ARG A 196 -9.30 -9.47 0.22
CA ARG A 196 -8.13 -9.30 -0.63
C ARG A 196 -7.50 -10.61 -1.08
N GLY A 197 -7.68 -11.69 -0.33
CA GLY A 197 -7.14 -12.98 -0.74
C GLY A 197 -8.04 -14.09 -0.29
N ALA A 198 -7.86 -15.25 -0.92
CA ALA A 198 -8.62 -16.43 -0.51
C ALA A 198 -8.10 -17.02 0.79
N ASN A 199 -6.82 -16.83 1.08
CA ASN A 199 -6.22 -17.42 2.26
C ASN A 199 -6.74 -16.76 3.53
N ARG A 200 -7.15 -17.58 4.49
CA ARG A 200 -7.59 -17.08 5.78
C ARG A 200 -6.40 -16.47 6.53
N GLY A 201 -6.62 -15.32 7.14
CA GLY A 201 -5.55 -14.60 7.79
C GLY A 201 -5.30 -15.01 9.22
N GLU A 202 -4.82 -16.23 9.42
CA GLU A 202 -4.48 -16.70 10.75
C GLU A 202 -3.51 -17.86 10.64
N LEU A 203 -2.78 -18.10 11.74
CA LEU A 203 -1.86 -19.23 11.83
C LEU A 203 -1.79 -19.69 13.28
N TRP A 204 -1.41 -20.95 13.45
CA TRP A 204 -1.25 -21.56 14.77
C TRP A 204 0.24 -21.79 15.01
N VAL A 205 0.79 -21.08 15.99
CA VAL A 205 2.21 -21.17 16.30
C VAL A 205 2.38 -21.63 17.75
N ARG A 206 3.63 -21.77 18.18
CA ARG A 206 3.95 -22.25 19.52
C ARG A 206 4.77 -21.20 20.26
N ASP A 207 4.39 -20.93 21.50
CA ASP A 207 5.06 -19.91 22.30
C ASP A 207 6.49 -20.33 22.65
N ALA B 5 0.97 33.02 -11.04
CA ALA B 5 -0.40 32.52 -11.04
C ALA B 5 -0.41 31.00 -10.99
N VAL B 6 0.60 30.38 -11.60
CA VAL B 6 0.72 28.92 -11.66
C VAL B 6 1.95 28.50 -10.87
N TYR B 7 1.89 27.32 -10.28
CA TYR B 7 2.98 26.80 -9.47
C TYR B 7 2.90 25.28 -9.45
N LYS B 8 3.99 24.66 -8.99
CA LYS B 8 4.12 23.22 -9.01
C LYS B 8 3.37 22.58 -7.85
N THR B 9 2.93 21.33 -8.08
CA THR B 9 2.30 20.52 -7.04
C THR B 9 2.38 19.06 -7.45
N HIS B 10 2.25 18.18 -6.46
CA HIS B 10 2.31 16.75 -6.72
C HIS B 10 1.00 16.25 -7.33
N VAL B 11 1.11 15.23 -8.17
CA VAL B 11 -0.08 14.62 -8.76
C VAL B 11 -0.90 13.91 -7.69
N GLU B 12 -0.25 13.11 -6.86
CA GLU B 12 -0.89 12.38 -5.78
C GLU B 12 -0.38 12.89 -4.44
N LYS B 13 -1.29 13.21 -3.54
CA LYS B 13 -0.93 13.77 -2.25
C LYS B 13 -2.18 13.80 -1.37
N ASP B 14 -1.97 13.68 -0.06
CA ASP B 14 -3.04 13.78 0.93
C ASP B 14 -4.07 12.66 0.75
N PHE B 15 -3.57 11.45 0.54
CA PHE B 15 -4.39 10.26 0.40
C PHE B 15 -4.18 9.32 1.59
N ILE B 16 -5.19 8.54 1.89
CA ILE B 16 -5.08 7.48 2.89
C ILE B 16 -6.17 6.44 2.64
N ALA B 17 -5.79 5.16 2.66
CA ALA B 17 -6.72 4.06 2.51
C ALA B 17 -6.60 3.15 3.73
N PHE B 18 -7.73 2.75 4.28
CA PHE B 18 -7.78 1.86 5.44
C PHE B 18 -8.45 0.57 4.99
N CYS B 19 -7.66 -0.36 4.47
CA CYS B 19 -8.19 -1.63 3.98
C CYS B 19 -8.72 -2.47 5.13
N SER B 20 -9.69 -3.34 4.84
CA SER B 20 -10.32 -4.16 5.91
C SER B 20 -9.33 -5.19 6.47
N SER B 21 -8.43 -5.70 5.63
CA SER B 21 -7.51 -6.74 6.09
C SER B 21 -6.18 -6.57 5.39
N THR B 22 -5.22 -7.40 5.79
CA THR B 22 -3.93 -7.44 5.14
C THR B 22 -4.06 -8.07 3.76
N PRO B 23 -3.09 -7.83 2.88
CA PRO B 23 -3.12 -8.48 1.56
C PRO B 23 -3.10 -10.00 1.70
N HIS B 24 -3.76 -10.66 0.75
CA HIS B 24 -3.92 -12.12 0.74
C HIS B 24 -4.61 -12.60 2.01
N ASN B 25 -5.64 -11.88 2.45
CA ASN B 25 -6.43 -12.26 3.61
C ASN B 25 -7.90 -12.14 3.29
N VAL B 26 -8.73 -12.49 4.27
CA VAL B 26 -10.18 -12.56 4.11
C VAL B 26 -10.84 -11.62 5.10
N SER B 27 -11.84 -10.88 4.64
CA SER B 27 -12.65 -10.05 5.52
C SER B 27 -13.83 -10.85 6.04
N TRP B 28 -14.23 -10.56 7.27
CA TRP B 28 -15.29 -11.28 7.95
C TRP B 28 -16.34 -10.29 8.44
N ARG B 29 -17.59 -10.77 8.51
CA ARG B 29 -18.72 -9.92 8.84
C ARG B 29 -19.77 -10.73 9.59
N ASP B 30 -20.34 -10.12 10.63
CA ASP B 30 -21.43 -10.75 11.37
C ASP B 30 -22.75 -10.49 10.66
N SER B 31 -23.50 -11.55 10.40
CA SER B 31 -24.72 -11.43 9.62
C SER B 31 -25.80 -10.65 10.37
N THR B 32 -25.84 -10.76 11.70
CA THR B 32 -26.88 -10.11 12.49
C THR B 32 -26.41 -8.83 13.16
N MET B 33 -25.15 -8.43 12.97
CA MET B 33 -24.66 -7.20 13.58
C MET B 33 -23.77 -6.37 12.66
N GLY B 34 -23.62 -6.74 11.40
CA GLY B 34 -22.76 -6.02 10.50
C GLY B 34 -21.32 -6.51 10.53
N SER B 35 -20.50 -5.88 9.70
CA SER B 35 -19.09 -6.26 9.62
C SER B 35 -18.37 -5.90 10.91
N ILE B 36 -17.50 -6.81 11.37
CA ILE B 36 -16.74 -6.57 12.59
C ILE B 36 -15.79 -5.40 12.41
N PHE B 37 -15.12 -5.33 11.26
CA PHE B 37 -14.20 -4.23 10.98
C PHE B 37 -14.89 -2.89 11.08
N ILE B 38 -16.01 -2.73 10.37
CA ILE B 38 -16.66 -1.43 10.32
C ILE B 38 -17.15 -1.13 11.74
N THR B 39 -17.90 -2.06 12.35
CA THR B 39 -18.37 -1.84 13.71
C THR B 39 -17.30 -1.35 14.67
N GLN B 40 -16.14 -2.01 14.67
CA GLN B 40 -15.02 -1.53 15.48
C GLN B 40 -14.59 -0.12 15.05
N LEU B 41 -14.60 0.15 13.75
CA LEU B 41 -14.22 1.46 13.26
C LEU B 41 -15.18 2.53 13.79
N ILE B 42 -16.48 2.22 13.79
CA ILE B 42 -17.48 3.19 14.26
C ILE B 42 -17.35 3.43 15.75
N THR B 43 -17.17 2.37 16.55
CA THR B 43 -17.05 2.62 17.99
C THR B 43 -15.78 3.37 18.32
N CYS B 44 -14.68 3.08 17.61
CA CYS B 44 -13.45 3.83 17.81
C CYS B 44 -13.62 5.29 17.41
N PHE B 45 -14.33 5.55 16.31
CA PHE B 45 -14.62 6.93 15.93
C PHE B 45 -15.47 7.63 16.98
N GLN B 46 -16.47 6.95 17.52
CA GLN B 46 -17.37 7.53 18.50
C GLN B 46 -16.73 7.74 19.86
N LYS B 47 -15.65 7.03 20.16
CA LYS B 47 -15.02 7.15 21.47
C LYS B 47 -13.76 8.02 21.44
N TYR B 48 -13.00 7.97 20.35
CA TYR B 48 -11.65 8.51 20.32
C TYR B 48 -11.48 9.74 19.43
N SER B 49 -12.46 10.09 18.61
CA SER B 49 -12.27 11.18 17.65
C SER B 49 -11.99 12.51 18.34
N TRP B 50 -12.52 12.70 19.55
CA TRP B 50 -12.39 14.00 20.21
C TRP B 50 -10.95 14.29 20.62
N CYS B 51 -10.14 13.25 20.84
CA CYS B 51 -8.80 13.43 21.37
C CYS B 51 -7.70 12.83 20.49
N CYS B 52 -8.03 12.26 19.34
CA CYS B 52 -7.03 11.69 18.45
C CYS B 52 -7.36 12.05 17.02
N HIS B 53 -6.31 12.13 16.19
CA HIS B 53 -6.48 12.42 14.77
C HIS B 53 -6.92 11.15 14.06
N LEU B 54 -7.02 11.22 12.72
CA LEU B 54 -7.57 10.10 11.97
C LEU B 54 -6.61 8.91 11.96
N GLU B 55 -5.31 9.15 11.80
CA GLU B 55 -4.36 8.04 11.81
C GLU B 55 -4.24 7.43 13.19
N GLU B 56 -4.36 8.25 14.25
CA GLU B 56 -4.37 7.69 15.60
C GLU B 56 -5.62 6.85 15.82
N VAL B 57 -6.75 7.27 15.29
CA VAL B 57 -7.98 6.47 15.38
C VAL B 57 -7.80 5.15 14.65
N PHE B 58 -7.19 5.18 13.47
CA PHE B 58 -6.92 3.94 12.74
C PHE B 58 -5.95 3.04 13.50
N ARG B 59 -4.97 3.64 14.18
CA ARG B 59 -4.06 2.85 15.00
C ARG B 59 -4.79 2.20 16.17
N LYS B 60 -5.74 2.92 16.78
CA LYS B 60 -6.56 2.32 17.82
C LYS B 60 -7.37 1.16 17.27
N VAL B 61 -7.95 1.33 16.08
CA VAL B 61 -8.70 0.24 15.46
C VAL B 61 -7.82 -0.97 15.25
N GLN B 62 -6.60 -0.75 14.74
CA GLN B 62 -5.67 -1.85 14.49
C GLN B 62 -5.26 -2.53 15.79
N GLN B 63 -4.98 -1.74 16.83
CA GLN B 63 -4.57 -2.32 18.11
C GLN B 63 -5.70 -3.14 18.71
N SER B 64 -6.95 -2.71 18.52
CA SER B 64 -8.08 -3.50 18.98
C SER B 64 -8.16 -4.85 18.28
N PHE B 65 -7.50 -5.01 17.14
CA PHE B 65 -7.45 -6.27 16.41
C PHE B 65 -6.15 -7.02 16.61
N GLU B 66 -5.30 -6.58 17.55
CA GLU B 66 -3.98 -7.19 17.73
C GLU B 66 -4.11 -8.66 18.14
N THR B 67 -4.67 -8.91 19.32
CA THR B 67 -4.90 -10.27 19.76
C THR B 67 -6.21 -10.77 19.16
N PRO B 68 -6.19 -11.82 18.33
CA PRO B 68 -7.42 -12.23 17.64
C PRO B 68 -8.42 -12.89 18.58
N ARG B 69 -9.48 -12.14 18.91
CA ARG B 69 -10.59 -12.71 19.66
C ARG B 69 -11.45 -13.53 18.73
N ALA B 70 -11.62 -14.81 19.04
CA ALA B 70 -12.32 -15.77 18.17
C ALA B 70 -11.60 -15.78 16.83
N LYS B 71 -12.24 -15.40 15.73
CA LYS B 71 -11.59 -15.45 14.43
C LYS B 71 -10.68 -14.24 14.25
N ALA B 72 -9.66 -14.41 13.40
CA ALA B 72 -8.58 -13.44 13.25
C ALA B 72 -8.82 -12.51 12.07
N GLN B 73 -8.34 -11.28 12.20
CA GLN B 73 -8.48 -10.24 11.20
C GLN B 73 -7.59 -9.07 11.60
N MET B 74 -7.00 -8.39 10.60
CA MET B 74 -6.20 -7.21 10.90
C MET B 74 -6.24 -6.22 9.75
N PRO B 75 -6.85 -5.05 9.94
CA PRO B 75 -6.86 -4.03 8.88
C PRO B 75 -5.49 -3.38 8.73
N THR B 76 -5.24 -2.85 7.53
CA THR B 76 -3.99 -2.19 7.22
C THR B 76 -4.26 -0.83 6.59
N ILE B 77 -3.28 0.06 6.71
CA ILE B 77 -3.31 1.38 6.08
C ILE B 77 -2.38 1.33 4.88
N GLU B 78 -2.91 1.68 3.70
CA GLU B 78 -2.16 1.57 2.46
C GLU B 78 -2.17 2.88 1.70
N ARG B 79 -1.08 3.14 0.99
CA ARG B 79 -0.93 4.33 0.14
C ARG B 79 -1.16 5.61 0.94
N LEU B 80 -0.50 5.70 2.09
CA LEU B 80 -0.64 6.84 2.99
C LEU B 80 0.24 7.97 2.47
N SER B 81 -0.36 8.93 1.76
CA SER B 81 0.34 10.10 1.24
C SER B 81 0.07 11.35 2.06
N MET B 82 -0.61 11.22 3.19
CA MET B 82 -0.92 12.38 4.02
C MET B 82 0.35 13.04 4.51
N THR B 83 0.34 14.38 4.52
CA THR B 83 1.50 15.15 4.97
C THR B 83 1.28 15.87 6.29
N ARG B 84 0.03 16.16 6.65
CA ARG B 84 -0.32 16.79 7.92
C ARG B 84 -1.20 15.86 8.72
N TYR B 85 -1.65 16.34 9.87
CA TYR B 85 -2.52 15.57 10.76
C TYR B 85 -3.96 16.00 10.53
N PHE B 86 -4.86 15.02 10.41
CA PHE B 86 -6.25 15.26 10.04
C PHE B 86 -7.12 15.06 11.28
N TYR B 87 -7.45 16.16 11.94
CA TYR B 87 -8.40 16.12 13.05
C TYR B 87 -9.80 16.37 12.52
N LEU B 88 -10.72 15.44 12.80
CA LEU B 88 -12.09 15.60 12.36
C LEU B 88 -12.78 16.75 13.06
N PHE B 89 -12.50 16.95 14.35
CA PHE B 89 -13.14 17.96 15.18
C PHE B 89 -14.67 17.85 15.09
N PRO B 90 -15.27 16.80 15.66
CA PRO B 90 -16.73 16.70 15.60
C PRO B 90 -17.41 17.88 16.26
N GLY B 91 -18.48 18.36 15.64
CA GLY B 91 -19.24 19.47 16.18
C GLY B 91 -18.44 20.74 16.35
N ASN B 92 -17.66 21.12 15.34
CA ASN B 92 -16.84 22.33 15.37
C ASN B 92 -15.87 22.30 16.55
N VAL C 1 -2.90 -22.61 -3.00
CA VAL C 1 -3.65 -21.95 -1.93
C VAL C 1 -3.55 -22.78 -0.65
N GLU C 2 -3.26 -22.09 0.46
CA GLU C 2 -3.10 -22.75 1.76
C GLU C 2 -4.47 -22.88 2.42
N ASP C 3 -5.17 -23.97 2.07
CA ASP C 3 -6.51 -24.20 2.59
C ASP C 3 -6.45 -24.76 4.00
N ASN C 4 -7.15 -24.10 4.93
CA ASN C 4 -7.26 -24.55 6.31
C ASN C 4 -8.72 -24.49 6.73
N CYS C 5 -9.21 -25.56 7.36
CA CYS C 5 -10.61 -25.64 7.73
C CYS C 5 -10.77 -26.41 9.03
N ILE C 6 -11.80 -26.07 9.81
CA ILE C 6 -12.17 -26.88 11.01
C ILE C 6 -11.22 -27.05 12.21
N ASN C 7 -10.74 -25.96 12.82
CA ASN C 7 -10.03 -26.07 14.09
C ASN C 7 -10.69 -26.31 15.43
N PHE C 8 -10.78 -27.59 15.80
CA PHE C 8 -11.42 -27.97 17.09
C PHE C 8 -10.57 -27.46 18.25
N VAL C 9 -11.22 -26.98 19.30
CA VAL C 9 -10.51 -26.50 20.49
C VAL C 9 -10.35 -27.63 21.51
N ALA C 10 -11.46 -28.11 22.07
CA ALA C 10 -11.44 -29.19 23.06
C ALA C 10 -12.86 -29.64 23.40
N MET C 11 -13.04 -30.94 23.60
CA MET C 11 -14.32 -31.45 24.07
C MET C 11 -14.07 -32.86 24.58
N LYS C 12 -14.81 -33.27 25.61
CA LYS C 12 -14.53 -34.49 26.35
C LYS C 12 -15.24 -35.68 25.68
N PHE C 13 -15.33 -36.79 26.40
CA PHE C 13 -16.07 -37.97 25.95
C PHE C 13 -17.43 -37.99 26.65
N ILE C 14 -18.46 -38.40 25.91
CA ILE C 14 -19.80 -38.51 26.46
C ILE C 14 -20.40 -39.84 26.01
N ASP C 15 -20.86 -40.64 26.98
CA ASP C 15 -21.58 -41.88 26.72
C ASP C 15 -20.77 -42.83 25.84
N ASN C 16 -19.49 -43.00 26.18
CA ASN C 16 -18.58 -43.91 25.48
C ASN C 16 -18.52 -43.53 23.99
N THR C 17 -18.48 -42.23 23.73
CA THR C 17 -18.39 -41.71 22.38
C THR C 17 -17.58 -40.42 22.40
N LEU C 18 -16.78 -40.22 21.36
CA LEU C 18 -15.89 -39.06 21.29
C LEU C 18 -16.57 -37.94 20.53
N TYR C 19 -16.71 -36.78 21.18
CA TYR C 19 -17.21 -35.58 20.56
C TYR C 19 -16.11 -34.53 20.50
N PHE C 20 -16.19 -33.65 19.50
CA PHE C 20 -15.22 -32.59 19.34
C PHE C 20 -15.93 -31.35 18.82
N ILE C 21 -15.82 -30.25 19.56
CA ILE C 21 -16.43 -28.99 19.15
C ILE C 21 -15.39 -28.14 18.45
N ALA C 22 -15.86 -27.19 17.66
CA ALA C 22 -15.02 -26.24 16.95
C ALA C 22 -15.20 -24.85 17.55
N GLU C 23 -14.59 -23.87 16.89
CA GLU C 23 -14.68 -22.50 17.36
C GLU C 23 -16.08 -21.94 17.08
N ASP C 24 -16.34 -20.76 17.64
CA ASP C 24 -17.64 -20.11 17.53
C ASP C 24 -17.69 -19.31 16.24
N ASP C 25 -18.47 -19.81 15.27
CA ASP C 25 -18.77 -19.06 14.06
C ASP C 25 -20.22 -18.58 14.14
N GLU C 26 -20.46 -17.55 14.95
CA GLU C 26 -21.81 -17.04 15.14
C GLU C 26 -22.22 -16.28 13.88
N ASN C 27 -22.53 -17.05 12.84
CA ASN C 27 -23.01 -16.55 11.55
C ASN C 27 -21.99 -15.64 10.87
N LEU C 28 -20.71 -15.78 11.20
CA LEU C 28 -19.68 -15.01 10.51
C LEU C 28 -19.54 -15.49 9.07
N GLU C 29 -19.51 -14.55 8.13
CA GLU C 29 -19.41 -14.87 6.72
C GLU C 29 -18.24 -14.13 6.10
N SER C 30 -17.63 -14.76 5.10
CA SER C 30 -16.49 -14.19 4.41
C SER C 30 -16.94 -13.21 3.33
N ASP C 31 -15.97 -12.46 2.80
CA ASP C 31 -16.20 -11.55 1.69
C ASP C 31 -15.54 -12.06 0.41
N TYR C 32 -15.31 -13.36 0.32
CA TYR C 32 -14.77 -13.99 -0.86
C TYR C 32 -15.89 -14.74 -1.58
N PHE C 33 -15.59 -15.19 -2.80
CA PHE C 33 -16.60 -15.77 -3.69
C PHE C 33 -16.96 -17.17 -3.20
N GLY C 34 -17.69 -17.21 -2.08
CA GLY C 34 -18.16 -18.49 -1.56
C GLY C 34 -17.01 -19.40 -1.21
N LYS C 35 -16.99 -20.58 -1.86
CA LYS C 35 -15.97 -21.61 -1.64
C LYS C 35 -16.01 -21.98 -0.16
N LEU C 36 -14.89 -21.80 0.55
CA LEU C 36 -14.85 -22.06 2.02
C LEU C 36 -15.20 -23.52 2.33
N GLU C 37 -15.13 -24.42 1.34
CA GLU C 37 -15.40 -25.83 1.56
C GLU C 37 -14.30 -26.45 2.41
N SER C 38 -14.69 -27.47 3.18
CA SER C 38 -13.83 -28.08 4.18
C SER C 38 -13.25 -29.39 3.64
N LYS C 39 -11.94 -29.56 3.80
CA LYS C 39 -11.24 -30.77 3.39
C LYS C 39 -10.60 -31.50 4.56
N LEU C 40 -9.84 -30.79 5.39
CA LEU C 40 -9.13 -31.39 6.51
C LEU C 40 -9.49 -30.64 7.80
N SER C 41 -8.99 -31.15 8.92
CA SER C 41 -9.21 -30.55 10.22
C SER C 41 -8.13 -31.05 11.16
N VAL C 42 -7.24 -30.15 11.60
CA VAL C 42 -5.98 -30.58 12.17
C VAL C 42 -5.66 -30.00 13.55
N ILE C 43 -6.28 -28.88 13.89
CA ILE C 43 -5.76 -28.01 14.95
C ILE C 43 -6.35 -28.49 16.26
N ARG C 44 -5.48 -28.71 17.25
CA ARG C 44 -5.85 -29.03 18.61
C ARG C 44 -4.73 -28.51 19.52
N ASN C 45 -4.69 -29.02 20.76
CA ASN C 45 -3.63 -28.75 21.73
C ASN C 45 -3.68 -27.31 22.26
N LEU C 46 -4.87 -26.72 22.32
CA LEU C 46 -5.04 -25.42 22.96
C LEU C 46 -5.03 -25.64 24.48
N ASN C 47 -3.85 -25.98 24.98
CA ASN C 47 -3.70 -26.20 26.46
C ASN C 47 -4.82 -27.14 26.93
N THR C 76 -10.15 -35.03 27.19
CA THR C 76 -9.65 -33.69 26.90
C THR C 76 -8.14 -33.69 26.77
N ILE C 77 -7.55 -34.87 26.62
CA ILE C 77 -6.11 -35.02 26.60
C ILE C 77 -5.70 -35.69 25.28
N PHE C 78 -6.46 -36.70 24.85
CA PHE C 78 -6.28 -37.32 23.55
C PHE C 78 -4.98 -38.09 23.34
N ILE C 79 -4.68 -39.05 24.22
CA ILE C 79 -3.46 -39.84 24.18
C ILE C 79 -3.06 -40.22 22.77
N ILE C 80 -1.80 -39.95 22.41
CA ILE C 80 -1.18 -40.45 21.19
C ILE C 80 0.21 -40.93 21.55
N SER C 81 0.54 -42.17 21.18
CA SER C 81 1.85 -42.75 21.49
C SER C 81 2.40 -43.45 20.26
N MET C 82 3.72 -43.57 20.21
CA MET C 82 4.41 -44.20 19.09
C MET C 82 4.90 -45.59 19.46
N TYR C 83 4.91 -46.48 18.47
CA TYR C 83 5.35 -47.86 18.64
C TYR C 83 6.29 -48.25 17.51
N LYS C 84 7.32 -49.02 17.85
CA LYS C 84 8.25 -49.53 16.86
C LYS C 84 7.89 -50.99 16.57
N ASP C 85 7.85 -51.33 15.28
CA ASP C 85 7.41 -52.66 14.83
C ASP C 85 8.60 -53.41 14.26
N SER C 86 8.67 -54.71 14.55
CA SER C 86 9.70 -55.58 13.98
C SER C 86 9.50 -55.82 12.50
N GLN C 87 8.36 -55.41 11.94
CA GLN C 87 8.08 -55.52 10.51
C GLN C 87 7.78 -54.12 10.00
N PRO C 88 8.82 -53.33 9.72
CA PRO C 88 8.62 -51.91 9.41
C PRO C 88 7.80 -51.67 8.14
N ARG C 89 6.60 -51.11 8.31
CA ARG C 89 5.75 -50.74 7.19
C ARG C 89 5.07 -49.41 7.45
N GLY C 90 5.66 -48.58 8.30
CA GLY C 90 5.07 -47.31 8.69
C GLY C 90 5.09 -47.19 10.21
N MET C 91 5.05 -45.95 10.69
CA MET C 91 5.10 -45.68 12.12
C MET C 91 3.80 -46.16 12.78
N ALA C 92 3.93 -47.00 13.80
CA ALA C 92 2.76 -47.47 14.54
C ALA C 92 2.39 -46.46 15.62
N VAL C 93 1.14 -46.00 15.60
CA VAL C 93 0.65 -44.98 16.52
C VAL C 93 -0.62 -45.50 17.18
N THR C 94 -0.74 -45.26 18.48
CA THR C 94 -1.91 -45.68 19.25
C THR C 94 -2.74 -44.47 19.65
N ILE C 95 -4.06 -44.67 19.67
CA ILE C 95 -5.01 -43.63 20.04
C ILE C 95 -5.73 -44.06 21.32
N SER C 96 -5.82 -43.14 22.28
CA SER C 96 -6.51 -43.40 23.53
C SER C 96 -6.98 -42.08 24.12
N VAL C 97 -7.96 -42.18 25.03
CA VAL C 97 -8.46 -41.02 25.77
C VAL C 97 -8.50 -41.39 27.24
N LYS C 98 -8.53 -40.36 28.09
CA LYS C 98 -8.51 -40.58 29.54
C LYS C 98 -9.92 -40.49 30.10
N CYS C 99 -10.26 -41.46 30.94
CA CYS C 99 -11.55 -41.53 31.63
C CYS C 99 -11.28 -41.99 33.05
N GLU C 100 -12.33 -42.41 33.76
CA GLU C 100 -12.13 -43.13 35.01
C GLU C 100 -11.28 -44.37 34.78
N LYS C 101 -11.52 -45.06 33.66
CA LYS C 101 -10.60 -46.05 33.13
C LYS C 101 -10.24 -45.63 31.71
N ILE C 102 -8.93 -45.59 31.43
CA ILE C 102 -8.48 -45.09 30.14
C ILE C 102 -9.04 -45.94 29.02
N SER C 103 -9.60 -45.29 28.01
CA SER C 103 -10.24 -45.95 26.88
C SER C 103 -9.31 -45.91 25.67
N THR C 104 -9.37 -46.95 24.84
CA THR C 104 -8.53 -47.08 23.66
C THR C 104 -9.40 -47.31 22.44
N LEU C 105 -9.08 -46.59 21.35
CA LEU C 105 -9.79 -46.78 20.09
C LEU C 105 -9.53 -48.17 19.54
N SER C 106 -10.55 -48.77 18.93
CA SER C 106 -10.45 -50.11 18.39
C SER C 106 -11.21 -50.20 17.08
N CYS C 107 -10.75 -51.11 16.21
CA CYS C 107 -11.42 -51.44 14.96
C CYS C 107 -11.63 -52.95 14.85
N GLU C 108 -11.75 -53.63 15.98
CA GLU C 108 -11.92 -55.07 15.99
C GLU C 108 -13.24 -55.46 15.33
N ASN C 109 -13.20 -56.55 14.56
CA ASN C 109 -14.37 -57.08 13.85
C ASN C 109 -14.97 -56.07 12.88
N LYS C 110 -14.11 -55.20 12.33
CA LYS C 110 -14.50 -54.22 11.31
C LYS C 110 -15.58 -53.27 11.81
N ILE C 111 -15.61 -53.00 13.11
CA ILE C 111 -16.54 -52.04 13.69
C ILE C 111 -15.79 -51.14 14.67
N ILE C 112 -16.41 -50.01 14.97
CA ILE C 112 -15.80 -48.96 15.79
C ILE C 112 -16.22 -49.15 17.24
N SER C 113 -15.25 -49.07 18.15
CA SER C 113 -15.53 -49.23 19.57
C SER C 113 -14.40 -48.64 20.38
N PHE C 114 -14.71 -48.20 21.60
CA PHE C 114 -13.73 -47.72 22.56
C PHE C 114 -13.54 -48.78 23.63
N LYS C 115 -12.37 -49.41 23.65
CA LYS C 115 -12.05 -50.44 24.64
C LYS C 115 -11.26 -49.83 25.78
N GLU C 116 -11.71 -50.07 27.01
CA GLU C 116 -11.08 -49.50 28.19
C GLU C 116 -9.84 -50.31 28.57
N MET C 117 -9.30 -50.06 29.76
CA MET C 117 -7.98 -50.53 30.19
C MET C 117 -6.88 -49.93 29.32
N ASN C 118 -5.62 -50.30 29.61
CA ASN C 118 -4.47 -49.72 28.96
C ASN C 118 -3.73 -50.76 28.12
N PRO C 119 -3.02 -50.34 27.08
CA PRO C 119 -2.25 -51.29 26.27
C PRO C 119 -1.20 -52.00 27.11
N PRO C 120 -1.01 -53.30 26.92
CA PRO C 120 -0.01 -54.06 27.70
C PRO C 120 1.43 -53.68 27.37
N ASP C 121 1.76 -52.43 27.64
CA ASP C 121 3.10 -51.87 27.40
C ASP C 121 3.41 -52.05 25.91
N ASN C 122 4.62 -52.50 25.56
CA ASN C 122 4.95 -52.74 24.17
C ASN C 122 4.21 -53.97 23.65
N ILE C 123 3.40 -53.78 22.60
CA ILE C 123 2.62 -54.88 22.06
C ILE C 123 3.55 -55.88 21.38
N LYS C 124 3.10 -57.13 21.32
CA LYS C 124 3.85 -58.21 20.68
C LYS C 124 3.26 -58.61 19.34
N ASP C 125 1.96 -58.93 19.30
CA ASP C 125 1.32 -59.28 18.05
C ASP C 125 1.13 -58.05 17.19
N THR C 126 1.56 -58.14 15.93
CA THR C 126 1.44 -56.99 15.02
C THR C 126 -0.01 -56.63 14.76
N LYS C 127 -0.87 -57.62 14.55
CA LYS C 127 -2.28 -57.38 14.27
C LYS C 127 -2.98 -57.02 15.59
N SER C 128 -2.99 -55.72 15.90
CA SER C 128 -3.61 -55.24 17.12
C SER C 128 -4.38 -53.96 16.82
N ASP C 129 -5.55 -53.82 17.42
CA ASP C 129 -6.38 -52.64 17.21
C ASP C 129 -5.76 -51.38 17.79
N ILE C 130 -4.84 -51.52 18.75
CA ILE C 130 -4.29 -50.36 19.43
C ILE C 130 -3.45 -49.51 18.48
N ILE C 131 -2.60 -50.15 17.69
CA ILE C 131 -1.64 -49.43 16.86
C ILE C 131 -2.30 -49.01 15.55
N PHE C 132 -1.82 -47.90 14.99
CA PHE C 132 -2.32 -47.37 13.73
C PHE C 132 -1.15 -46.85 12.91
N PHE C 133 -1.34 -46.83 11.59
CA PHE C 133 -0.32 -46.34 10.67
C PHE C 133 -0.57 -44.90 10.24
N GLN C 134 0.40 -44.03 10.50
CA GLN C 134 0.30 -42.63 10.12
C GLN C 134 0.88 -42.36 8.73
N ARG C 135 0.11 -41.67 7.90
CA ARG C 135 0.51 -41.34 6.53
C ARG C 135 0.52 -39.83 6.36
N SER C 136 1.52 -39.33 5.65
CA SER C 136 1.65 -37.90 5.43
C SER C 136 0.52 -37.39 4.53
N VAL C 137 0.24 -36.10 4.64
CA VAL C 137 -0.83 -35.46 3.89
C VAL C 137 -0.19 -34.64 2.77
N PRO C 138 -0.83 -34.52 1.60
CA PRO C 138 -0.33 -33.57 0.58
C PRO C 138 -0.39 -32.12 1.03
N GLY C 139 -1.16 -31.80 2.06
CA GLY C 139 -1.29 -30.43 2.51
C GLY C 139 -0.19 -29.97 3.45
N HIS C 140 0.74 -29.18 2.92
CA HIS C 140 1.78 -28.49 3.70
C HIS C 140 2.82 -29.45 4.28
N ASP C 141 2.61 -30.76 4.10
CA ASP C 141 3.54 -31.78 4.56
C ASP C 141 3.85 -31.63 6.06
N ASN C 142 2.81 -31.28 6.83
CA ASN C 142 2.94 -31.13 8.27
C ASN C 142 1.94 -31.98 9.05
N LYS C 143 0.86 -32.40 8.40
CA LYS C 143 -0.19 -33.17 9.11
C LYS C 143 -0.10 -34.65 8.74
N MET C 144 -0.81 -35.51 9.47
CA MET C 144 -0.83 -36.94 9.15
C MET C 144 -2.14 -37.50 9.66
N GLN C 145 -2.69 -38.44 8.91
CA GLN C 145 -3.88 -39.17 9.27
C GLN C 145 -3.48 -40.50 9.91
N PHE C 146 -4.48 -41.34 10.18
CA PHE C 146 -4.25 -42.64 10.81
C PHE C 146 -4.85 -43.74 9.95
N GLU C 147 -4.19 -44.89 9.97
CA GLU C 147 -4.61 -46.07 9.21
C GLU C 147 -4.75 -47.25 10.16
N SER C 148 -5.87 -47.97 10.07
CA SER C 148 -6.10 -49.12 10.93
C SER C 148 -5.08 -50.20 10.64
N SER C 149 -4.56 -50.81 11.70
CA SER C 149 -3.58 -51.89 11.57
C SER C 149 -4.20 -53.27 11.67
N SER C 150 -5.40 -53.39 12.26
CA SER C 150 -6.07 -54.69 12.32
C SER C 150 -6.77 -55.04 11.02
N TYR C 151 -6.98 -54.07 10.13
CA TYR C 151 -7.60 -54.32 8.83
C TYR C 151 -6.95 -53.43 7.79
N GLU C 152 -7.02 -53.88 6.54
CA GLU C 152 -6.40 -53.18 5.41
C GLU C 152 -7.50 -52.52 4.59
N GLY C 153 -7.43 -51.19 4.47
CA GLY C 153 -8.40 -50.46 3.67
C GLY C 153 -9.19 -49.45 4.46
N TYR C 154 -9.30 -49.65 5.78
CA TYR C 154 -10.04 -48.73 6.62
C TYR C 154 -9.27 -47.43 6.80
N PHE C 155 -9.99 -46.40 7.26
CA PHE C 155 -9.42 -45.09 7.49
C PHE C 155 -10.17 -44.39 8.62
N LEU C 156 -9.51 -43.41 9.22
CA LEU C 156 -10.07 -42.65 10.32
C LEU C 156 -10.53 -41.29 9.81
N ALA C 157 -11.74 -40.89 10.19
CA ALA C 157 -12.32 -39.64 9.72
C ALA C 157 -13.29 -39.11 10.77
N CYS C 158 -13.64 -37.84 10.63
CA CYS C 158 -14.58 -37.18 11.52
C CYS C 158 -15.60 -36.42 10.69
N GLU C 159 -16.84 -36.90 10.68
CA GLU C 159 -17.89 -36.32 9.85
C GLU C 159 -18.80 -35.40 10.66
N LYS C 160 -19.56 -34.58 9.92
CA LYS C 160 -20.46 -33.59 10.51
C LYS C 160 -21.77 -34.28 10.88
N GLU C 161 -22.02 -34.44 12.18
CA GLU C 161 -23.24 -35.05 12.68
C GLU C 161 -23.91 -34.12 13.66
N ARG C 162 -25.13 -33.69 13.35
CA ARG C 162 -25.92 -32.84 14.22
C ARG C 162 -25.21 -31.54 14.55
N ASP C 163 -25.02 -31.27 15.85
CA ASP C 163 -24.41 -30.03 16.29
C ASP C 163 -22.90 -30.13 16.45
N LEU C 164 -22.42 -31.19 17.10
CA LEU C 164 -21.00 -31.40 17.33
C LEU C 164 -20.42 -32.23 16.18
N PHE C 165 -19.19 -32.71 16.36
CA PHE C 165 -18.51 -33.53 15.36
C PHE C 165 -18.34 -34.95 15.86
N LYS C 166 -18.54 -35.91 14.97
CA LYS C 166 -18.50 -37.33 15.30
C LYS C 166 -17.26 -37.96 14.69
N LEU C 167 -16.44 -38.59 15.53
CA LEU C 167 -15.28 -39.35 15.07
C LEU C 167 -15.77 -40.74 14.71
N ILE C 168 -16.03 -40.95 13.41
CA ILE C 168 -16.57 -42.21 12.92
C ILE C 168 -15.65 -42.72 11.80
N LEU C 169 -15.33 -44.01 11.87
CA LEU C 169 -14.47 -44.61 10.85
C LEU C 169 -15.19 -44.64 9.50
N LYS C 170 -14.50 -44.17 8.47
CA LYS C 170 -15.05 -44.16 7.12
C LYS C 170 -13.96 -44.60 6.14
N LYS C 171 -14.40 -45.08 4.98
CA LYS C 171 -13.49 -45.56 3.95
C LYS C 171 -13.05 -44.37 3.09
N GLU C 172 -11.74 -44.12 3.06
CA GLU C 172 -11.23 -42.94 2.35
C GLU C 172 -11.40 -43.07 0.84
N ASP C 173 -11.29 -44.28 0.30
CA ASP C 173 -11.42 -44.47 -1.15
C ASP C 173 -12.81 -44.15 -1.67
N GLU C 174 -13.81 -44.12 -0.80
CA GLU C 174 -15.19 -43.82 -1.18
C GLU C 174 -15.55 -42.43 -0.69
N LEU C 175 -16.11 -41.61 -1.58
CA LEU C 175 -16.52 -40.26 -1.23
C LEU C 175 -17.87 -40.30 -0.53
N GLY C 176 -17.86 -40.31 0.80
CA GLY C 176 -19.08 -40.35 1.57
C GLY C 176 -19.34 -39.07 2.33
N ASP C 177 -20.51 -38.47 2.10
CA ASP C 177 -20.90 -37.18 2.69
C ASP C 177 -19.82 -36.17 2.29
N ARG C 178 -19.31 -35.35 3.22
CA ARG C 178 -18.27 -34.39 2.87
C ARG C 178 -16.87 -34.98 2.98
N SER C 179 -16.73 -36.14 3.63
CA SER C 179 -15.46 -36.86 3.74
C SER C 179 -14.37 -35.99 4.38
N ILE C 180 -14.61 -35.61 5.63
CA ILE C 180 -13.67 -34.80 6.39
C ILE C 180 -12.68 -35.72 7.08
N MET C 181 -11.39 -35.48 6.86
CA MET C 181 -10.34 -36.32 7.42
C MET C 181 -9.91 -35.80 8.79
N PHE C 182 -9.66 -36.72 9.72
CA PHE C 182 -9.23 -36.37 11.07
C PHE C 182 -7.71 -36.41 11.11
N THR C 183 -7.10 -35.28 10.78
CA THR C 183 -5.65 -35.14 10.86
C THR C 183 -5.25 -34.43 12.15
N VAL C 184 -3.97 -34.54 12.49
CA VAL C 184 -3.43 -34.00 13.73
C VAL C 184 -2.10 -33.31 13.43
N GLN C 185 -1.84 -32.23 14.16
CA GLN C 185 -0.62 -31.44 13.98
C GLN C 185 0.51 -32.09 14.77
N ASN C 186 1.65 -32.30 14.11
CA ASN C 186 2.80 -32.94 14.74
C ASN C 186 3.53 -31.95 15.64
N GLU C 187 4.30 -32.51 16.57
CA GLU C 187 5.18 -31.70 17.40
C GLU C 187 6.27 -31.05 16.55
N ASP C 188 6.63 -29.82 16.90
CA ASP C 188 7.64 -29.09 16.15
C ASP C 188 9.03 -29.71 16.34
N ALA D 42 25.39 15.09 14.03
CA ALA D 42 25.35 14.01 15.02
C ALA D 42 23.93 13.47 15.15
N LEU D 43 23.70 12.67 16.19
CA LEU D 43 22.40 12.07 16.46
C LEU D 43 22.07 12.30 17.93
N LYS D 44 20.87 12.79 18.20
CA LYS D 44 20.47 13.08 19.57
C LYS D 44 20.23 11.79 20.34
N LEU D 45 20.61 11.79 21.62
CA LEU D 45 20.46 10.63 22.49
C LEU D 45 19.32 10.88 23.48
N CYS D 46 18.43 9.91 23.60
CA CYS D 46 17.34 10.02 24.55
C CYS D 46 17.85 9.79 25.97
N PRO D 47 17.51 10.66 26.92
CA PRO D 47 17.96 10.45 28.30
C PRO D 47 17.34 9.20 28.92
N HIS D 48 18.04 8.66 29.92
CA HIS D 48 17.68 7.36 30.47
C HIS D 48 16.37 7.41 31.25
N GLU D 49 16.18 8.44 32.08
CA GLU D 49 14.98 8.49 32.91
C GLU D 49 13.73 8.64 32.06
N GLU D 50 13.79 9.41 30.97
CA GLU D 50 12.67 9.47 30.03
C GLU D 50 12.41 8.11 29.41
N PHE D 51 13.48 7.36 29.11
CA PHE D 51 13.33 5.99 28.62
C PHE D 51 12.53 5.14 29.60
N LEU D 52 12.95 5.14 30.88
CA LEU D 52 12.21 4.37 31.88
C LEU D 52 10.79 4.88 32.07
N ARG D 53 10.57 6.19 31.91
CA ARG D 53 9.24 6.76 32.07
C ARG D 53 8.29 6.32 30.96
N LEU D 54 8.78 6.26 29.72
CA LEU D 54 7.90 6.02 28.59
C LEU D 54 7.32 4.62 28.60
N CYS D 55 8.16 3.60 28.83
CA CYS D 55 7.70 2.22 28.74
C CYS D 55 6.66 1.91 29.81
N LYS D 56 6.86 2.42 31.03
CA LYS D 56 5.91 2.14 32.10
C LYS D 56 4.55 2.74 31.81
N GLU D 57 4.51 3.95 31.26
CA GLU D 57 3.24 4.64 31.01
C GLU D 57 2.58 4.22 29.70
N ARG D 58 3.30 3.55 28.80
CA ARG D 58 2.76 3.15 27.51
C ARG D 58 3.18 1.72 27.19
N ALA D 59 3.05 0.82 28.16
CA ALA D 59 3.49 -0.56 27.96
C ALA D 59 2.73 -1.25 26.85
N GLU D 60 1.41 -1.10 26.83
CA GLU D 60 0.60 -1.77 25.82
C GLU D 60 0.37 -0.94 24.57
N GLU D 61 0.89 0.30 24.53
CA GLU D 61 0.83 1.11 23.32
C GLU D 61 2.07 0.99 22.44
N ILE D 62 3.21 0.61 23.02
CA ILE D 62 4.48 0.60 22.30
C ILE D 62 5.06 -0.81 22.32
N TYR D 63 6.02 -1.05 21.41
CA TYR D 63 6.65 -2.40 21.32
C TYR D 63 7.64 -2.58 22.47
N PRO D 64 7.99 -3.83 22.85
CA PRO D 64 8.91 -4.09 23.95
C PRO D 64 10.38 -3.81 23.58
N ILE D 65 11.18 -3.31 24.53
CA ILE D 65 12.60 -3.06 24.29
C ILE D 65 13.40 -3.95 25.21
N LYS D 66 14.36 -4.68 24.66
CA LYS D 66 15.16 -5.61 25.44
C LYS D 66 16.43 -4.93 25.97
N GLU D 67 17.13 -5.66 26.84
CA GLU D 67 18.29 -5.10 27.53
C GLU D 67 19.41 -4.79 26.55
N ARG D 68 20.16 -3.73 26.85
CA ARG D 68 21.19 -3.24 25.93
C ARG D 68 22.29 -4.26 25.71
N ASN D 69 22.86 -4.80 26.78
CA ASN D 69 24.06 -5.63 26.65
C ASN D 69 23.76 -6.90 25.87
N ASN D 70 22.66 -7.58 26.18
CA ASN D 70 22.28 -8.82 25.51
C ASN D 70 21.17 -8.50 24.52
N ARG D 71 21.55 -8.02 23.34
CA ARG D 71 20.59 -7.69 22.30
C ARG D 71 21.35 -7.60 20.97
N THR D 72 21.02 -8.48 20.04
CA THR D 72 21.67 -8.52 18.73
C THR D 72 20.64 -8.14 17.67
N ARG D 73 20.49 -6.84 17.45
CA ARG D 73 19.61 -6.35 16.40
C ARG D 73 20.33 -6.44 15.05
N LEU D 74 19.58 -6.83 14.02
CA LEU D 74 20.15 -7.05 12.70
C LEU D 74 19.37 -6.24 11.67
N ALA D 75 20.11 -5.51 10.83
CA ALA D 75 19.53 -4.74 9.75
C ALA D 75 20.23 -5.10 8.45
N LEU D 76 19.54 -4.88 7.33
CA LEU D 76 20.07 -5.22 6.02
C LEU D 76 20.01 -4.00 5.12
N ILE D 77 21.16 -3.71 4.48
CA ILE D 77 21.24 -2.53 3.56
C ILE D 77 21.74 -3.01 2.20
N ILE D 78 20.97 -2.74 1.14
CA ILE D 78 21.32 -3.16 -0.21
C ILE D 78 21.33 -1.92 -1.10
N CYS D 79 22.42 -1.72 -1.84
CA CYS D 79 22.50 -0.63 -2.80
C CYS D 79 23.35 -1.10 -3.97
N ASN D 80 22.71 -1.60 -5.01
CA ASN D 80 23.40 -2.00 -6.23
C ASN D 80 23.59 -0.77 -7.12
N THR D 81 24.84 -0.47 -7.45
CA THR D 81 25.17 0.71 -8.24
C THR D 81 25.60 0.38 -9.66
N GLU D 82 26.34 -0.70 -9.86
CA GLU D 82 26.74 -1.12 -11.18
C GLU D 82 25.70 -2.07 -11.75
N PHE D 83 25.26 -1.81 -12.97
CA PHE D 83 24.23 -2.60 -13.62
C PHE D 83 24.77 -3.10 -14.96
N ASP D 84 23.90 -3.75 -15.73
CA ASP D 84 24.26 -4.27 -17.03
C ASP D 84 23.49 -3.64 -18.18
N HIS D 85 22.35 -3.00 -17.91
CA HIS D 85 21.58 -2.35 -18.95
C HIS D 85 21.02 -0.99 -18.51
N LEU D 86 21.35 -0.52 -17.31
CA LEU D 86 20.82 0.71 -16.76
C LEU D 86 21.95 1.64 -16.36
N PRO D 87 21.73 2.98 -16.39
CA PRO D 87 22.76 3.94 -16.01
C PRO D 87 23.13 3.75 -14.54
N PRO D 88 24.43 3.84 -14.17
CA PRO D 88 24.84 3.62 -12.78
C PRO D 88 24.23 4.63 -11.83
N ARG D 89 23.96 4.17 -10.60
CA ARG D 89 23.40 5.03 -9.55
C ARG D 89 24.54 5.79 -8.88
N ASN D 90 25.04 6.79 -9.60
CA ASN D 90 26.12 7.63 -9.06
C ASN D 90 25.65 8.34 -7.80
N GLY D 91 26.48 8.30 -6.76
CA GLY D 91 26.13 8.85 -5.47
C GLY D 91 25.49 7.89 -4.51
N ALA D 92 25.20 6.66 -4.94
CA ALA D 92 24.64 5.67 -4.03
C ALA D 92 25.62 5.30 -2.93
N ASP D 93 26.91 5.26 -3.26
CA ASP D 93 27.92 4.95 -2.26
C ASP D 93 27.94 6.00 -1.15
N PHE D 94 27.61 7.25 -1.48
CA PHE D 94 27.48 8.27 -0.45
C PHE D 94 26.31 7.97 0.48
N ASP D 95 25.23 7.40 -0.04
CA ASP D 95 24.09 7.07 0.79
C ASP D 95 24.35 5.83 1.64
N ILE D 96 25.14 4.89 1.12
CA ILE D 96 25.46 3.68 1.86
C ILE D 96 26.14 4.03 3.18
N THR D 97 27.14 4.91 3.13
CA THR D 97 27.87 5.28 4.34
C THR D 97 26.98 5.97 5.35
N GLY D 98 26.14 6.90 4.89
CA GLY D 98 25.24 7.60 5.81
C GLY D 98 24.23 6.67 6.46
N MET D 99 23.62 5.81 5.64
CA MET D 99 22.63 4.84 6.19
C MET D 99 23.33 3.92 7.20
N LYS D 100 24.51 3.39 6.84
CA LYS D 100 25.22 2.48 7.72
C LYS D 100 25.58 3.16 9.04
N GLU D 101 26.07 4.39 8.97
CA GLU D 101 26.40 5.14 10.19
C GLU D 101 25.16 5.40 11.04
N LEU D 102 24.04 5.77 10.42
CA LEU D 102 22.82 5.99 11.18
C LEU D 102 22.35 4.72 11.86
N LEU D 103 22.31 3.61 11.12
CA LEU D 103 21.83 2.36 11.69
C LEU D 103 22.76 1.85 12.79
N GLU D 104 24.07 2.01 12.60
CA GLU D 104 25.02 1.64 13.66
C GLU D 104 24.80 2.51 14.89
N GLY D 105 24.50 3.79 14.69
CA GLY D 105 24.11 4.63 15.81
C GLY D 105 22.84 4.15 16.49
N LEU D 106 21.99 3.45 15.75
CA LEU D 106 20.79 2.83 16.30
C LEU D 106 21.04 1.41 16.80
N ASP D 107 22.31 0.99 16.86
CA ASP D 107 22.70 -0.33 17.37
C ASP D 107 22.12 -1.46 16.53
N TYR D 108 22.49 -1.46 15.25
CA TYR D 108 22.13 -2.53 14.33
C TYR D 108 23.40 -3.11 13.71
N SER D 109 23.53 -4.43 13.77
CA SER D 109 24.65 -5.13 13.14
C SER D 109 24.36 -5.19 11.64
N VAL D 110 24.68 -4.09 10.96
CA VAL D 110 24.28 -3.92 9.57
C VAL D 110 25.10 -4.84 8.67
N ASP D 111 24.42 -5.58 7.81
CA ASP D 111 25.04 -6.32 6.73
C ASP D 111 24.79 -5.58 5.43
N VAL D 112 25.86 -5.24 4.72
CA VAL D 112 25.78 -4.41 3.52
C VAL D 112 26.07 -5.29 2.31
N GLU D 113 25.15 -5.28 1.35
CA GLU D 113 25.30 -6.02 0.11
C GLU D 113 25.13 -5.07 -1.07
N GLU D 114 25.61 -5.50 -2.23
CA GLU D 114 25.58 -4.66 -3.41
C GLU D 114 25.72 -5.52 -4.66
N ASN D 115 25.09 -5.08 -5.75
CA ASN D 115 25.10 -5.79 -7.03
C ASN D 115 24.65 -7.24 -6.88
N LEU D 116 23.39 -7.40 -6.51
CA LEU D 116 22.78 -8.71 -6.34
C LEU D 116 21.69 -8.93 -7.38
N THR D 117 21.70 -10.09 -8.02
CA THR D 117 20.63 -10.48 -8.92
C THR D 117 19.34 -10.64 -8.12
N ALA D 118 18.22 -10.89 -8.83
CA ALA D 118 16.93 -11.05 -8.17
C ALA D 118 16.95 -12.38 -7.43
N ARG D 119 17.50 -13.43 -8.05
CA ARG D 119 17.64 -14.70 -7.36
C ARG D 119 18.53 -14.53 -6.12
N ASP D 120 19.66 -13.84 -6.28
CA ASP D 120 20.50 -13.49 -5.15
C ASP D 120 19.80 -12.51 -4.21
N MET D 121 18.89 -11.68 -4.74
CA MET D 121 18.12 -10.75 -3.88
C MET D 121 17.31 -11.57 -2.87
N GLU D 122 16.54 -12.56 -3.35
CA GLU D 122 15.73 -13.37 -2.46
C GLU D 122 16.60 -14.30 -1.61
N SER D 123 17.70 -14.82 -2.16
CA SER D 123 18.57 -15.68 -1.37
C SER D 123 19.15 -14.93 -0.18
N ALA D 124 19.65 -13.71 -0.41
CA ALA D 124 20.22 -12.92 0.67
C ALA D 124 19.15 -12.52 1.67
N LEU D 125 17.96 -12.15 1.19
CA LEU D 125 16.88 -11.79 2.10
C LEU D 125 16.50 -12.96 3.00
N ARG D 126 16.35 -14.14 2.41
CA ARG D 126 16.00 -15.32 3.20
C ARG D 126 17.10 -15.69 4.19
N ALA D 127 18.36 -15.61 3.76
CA ALA D 127 19.46 -15.89 4.66
C ALA D 127 19.50 -14.90 5.83
N PHE D 128 19.20 -13.63 5.56
CA PHE D 128 19.09 -12.66 6.64
C PHE D 128 17.91 -12.94 7.54
N ALA D 129 16.84 -13.51 6.99
CA ALA D 129 15.66 -13.81 7.79
C ALA D 129 15.89 -14.94 8.79
N THR D 130 16.69 -15.93 8.43
CA THR D 130 16.88 -17.12 9.25
C THR D 130 18.12 -17.04 10.14
N ARG D 131 18.70 -15.86 10.30
CA ARG D 131 19.88 -15.72 11.14
C ARG D 131 19.53 -16.05 12.59
N PRO D 132 20.32 -16.89 13.27
CA PRO D 132 20.00 -17.24 14.66
C PRO D 132 20.02 -16.07 15.62
N GLU D 133 20.70 -14.98 15.26
CA GLU D 133 20.73 -13.81 16.14
C GLU D 133 19.39 -13.09 16.18
N HIS D 134 18.45 -13.43 15.31
CA HIS D 134 17.16 -12.75 15.29
C HIS D 134 16.35 -13.04 16.55
N LYS D 135 16.52 -14.23 17.15
CA LYS D 135 15.78 -14.55 18.36
C LYS D 135 16.10 -13.60 19.49
N SER D 136 17.35 -13.15 19.58
CA SER D 136 17.74 -12.15 20.57
C SER D 136 17.44 -10.73 20.13
N SER D 137 16.96 -10.53 18.92
CA SER D 137 16.61 -9.21 18.42
C SER D 137 15.17 -8.86 18.77
N ASP D 138 14.85 -7.58 18.67
CA ASP D 138 13.49 -7.10 18.92
C ASP D 138 12.98 -6.16 17.82
N SER D 139 13.73 -5.97 16.74
CA SER D 139 13.30 -5.18 15.60
C SER D 139 14.19 -5.55 14.42
N THR D 140 13.90 -4.94 13.27
CA THR D 140 14.75 -5.11 12.10
C THR D 140 14.50 -3.96 11.14
N PHE D 141 15.46 -3.75 10.24
CA PHE D 141 15.37 -2.73 9.22
C PHE D 141 15.78 -3.32 7.89
N LEU D 142 15.00 -3.03 6.85
CA LEU D 142 15.27 -3.51 5.49
C LEU D 142 15.43 -2.28 4.60
N VAL D 143 16.66 -1.79 4.48
CA VAL D 143 16.96 -0.62 3.67
C VAL D 143 17.38 -1.09 2.29
N LEU D 144 16.57 -0.76 1.28
CA LEU D 144 16.87 -1.11 -0.10
C LEU D 144 16.91 0.16 -0.94
N MET D 145 17.85 0.21 -1.88
CA MET D 145 17.93 1.32 -2.83
C MET D 145 18.41 0.78 -4.16
N SER D 146 17.65 1.08 -5.21
CA SER D 146 17.91 0.56 -6.55
C SER D 146 16.96 1.24 -7.52
N HIS D 147 17.09 0.90 -8.80
CA HIS D 147 16.04 1.21 -9.75
C HIS D 147 14.85 0.28 -9.51
N GLY D 148 13.72 0.62 -10.10
CA GLY D 148 12.55 -0.23 -9.94
C GLY D 148 11.36 0.32 -10.68
N ILE D 149 10.27 -0.44 -10.60
CA ILE D 149 8.99 -0.07 -11.21
C ILE D 149 7.92 -0.16 -10.12
N LEU D 150 6.66 0.03 -10.51
CA LEU D 150 5.56 -0.07 -9.55
C LEU D 150 5.53 -1.45 -8.90
N GLU D 151 5.88 -2.49 -9.65
CA GLU D 151 5.84 -3.85 -9.13
C GLU D 151 6.82 -4.02 -7.97
N GLY D 152 8.06 -3.60 -8.16
CA GLY D 152 9.05 -3.76 -7.10
C GLY D 152 10.41 -3.27 -7.53
N ILE D 153 11.38 -3.51 -6.66
CA ILE D 153 12.77 -3.16 -6.92
C ILE D 153 13.40 -4.21 -7.83
N CYS D 154 14.18 -3.76 -8.80
CA CYS D 154 14.85 -4.65 -9.73
C CYS D 154 16.29 -4.89 -9.30
N GLY D 155 16.88 -5.95 -9.86
CA GLY D 155 18.24 -6.31 -9.54
C GLY D 155 19.27 -5.61 -10.41
N THR D 156 20.22 -6.37 -10.96
CA THR D 156 21.28 -5.81 -11.77
C THR D 156 21.29 -6.30 -13.21
N VAL D 157 20.27 -7.08 -13.62
CA VAL D 157 20.24 -7.61 -14.97
C VAL D 157 18.91 -7.27 -15.64
N HIS D 158 18.30 -6.15 -15.24
CA HIS D 158 17.00 -5.80 -15.80
C HIS D 158 17.11 -5.45 -17.28
N ASP D 159 16.17 -5.97 -18.06
CA ASP D 159 16.10 -5.74 -19.49
C ASP D 159 14.63 -5.70 -19.88
N GLU D 160 14.32 -4.87 -20.88
CA GLU D 160 12.93 -4.78 -21.31
C GLU D 160 12.46 -6.10 -21.94
N LYS D 161 13.36 -6.79 -22.63
CA LYS D 161 13.03 -8.13 -23.13
C LYS D 161 13.20 -9.21 -22.06
N LYS D 162 14.00 -8.95 -21.03
CA LYS D 162 14.27 -9.91 -19.96
C LYS D 162 13.99 -9.24 -18.63
N PRO D 163 12.72 -9.17 -18.22
CA PRO D 163 12.39 -8.52 -16.96
C PRO D 163 13.01 -9.25 -15.77
N ASP D 164 13.41 -8.48 -14.77
CA ASP D 164 14.03 -9.01 -13.57
C ASP D 164 13.78 -8.00 -12.44
N VAL D 165 12.93 -8.37 -11.49
CA VAL D 165 12.49 -7.43 -10.47
C VAL D 165 11.99 -8.22 -9.27
N LEU D 166 12.35 -7.74 -8.07
CA LEU D 166 11.87 -8.37 -6.82
C LEU D 166 10.63 -7.61 -6.36
N LEU D 167 9.53 -8.32 -6.17
CA LEU D 167 8.27 -7.71 -5.76
C LEU D 167 8.27 -7.37 -4.28
N TYR D 168 7.44 -6.39 -3.92
CA TYR D 168 7.22 -6.09 -2.50
C TYR D 168 6.51 -7.26 -1.81
N ASP D 169 5.58 -7.90 -2.51
CA ASP D 169 4.91 -9.09 -1.96
C ASP D 169 5.93 -10.14 -1.56
N THR D 170 7.01 -10.27 -2.34
CA THR D 170 8.06 -11.22 -1.99
C THR D 170 8.70 -10.89 -0.64
N ILE D 171 8.99 -9.61 -0.41
CA ILE D 171 9.60 -9.20 0.86
C ILE D 171 8.64 -9.48 2.01
N PHE D 172 7.37 -9.05 1.86
CA PHE D 172 6.42 -9.22 2.95
C PHE D 172 6.05 -10.67 3.18
N GLN D 173 6.20 -11.53 2.16
CA GLN D 173 5.98 -12.95 2.34
C GLN D 173 7.17 -13.63 3.00
N ILE D 174 8.38 -13.18 2.69
CA ILE D 174 9.57 -13.76 3.30
C ILE D 174 9.64 -13.38 4.77
N PHE D 175 9.27 -12.15 5.11
CA PHE D 175 9.39 -11.66 6.48
C PHE D 175 8.10 -11.79 7.30
N ASN D 176 7.09 -12.46 6.79
CA ASN D 176 5.84 -12.56 7.53
C ASN D 176 6.00 -13.53 8.70
N ASN D 177 4.91 -13.71 9.46
CA ASN D 177 4.95 -14.57 10.63
C ASN D 177 4.99 -16.05 10.28
N ARG D 178 4.79 -16.42 9.03
CA ARG D 178 4.80 -17.82 8.62
C ARG D 178 6.21 -18.28 8.25
N ASN D 179 6.83 -17.59 7.30
CA ASN D 179 8.16 -18.01 6.83
C ASN D 179 9.23 -17.74 7.88
N CYS D 180 9.17 -16.58 8.53
CA CYS D 180 10.16 -16.19 9.54
C CYS D 180 9.44 -16.12 10.88
N LEU D 181 9.37 -17.26 11.58
CA LEU D 181 8.71 -17.32 12.87
C LEU D 181 9.51 -16.59 13.94
N SER D 182 10.81 -16.39 13.75
CA SER D 182 11.66 -15.74 14.73
C SER D 182 11.42 -14.24 14.84
N LEU D 183 10.62 -13.66 13.96
CA LEU D 183 10.36 -12.22 13.96
C LEU D 183 8.94 -11.90 14.40
N LYS D 184 8.36 -12.74 15.26
CA LYS D 184 6.99 -12.53 15.73
C LYS D 184 6.89 -11.31 16.62
N ASP D 185 5.79 -10.56 16.46
CA ASP D 185 5.36 -9.51 17.38
C ASP D 185 6.39 -8.40 17.53
N LYS D 186 7.25 -8.23 16.52
CA LYS D 186 8.25 -7.14 16.53
C LYS D 186 8.18 -6.45 15.17
N PRO D 187 8.40 -5.11 15.06
CA PRO D 187 8.22 -4.43 13.78
C PRO D 187 9.27 -4.84 12.76
N LYS D 188 8.88 -4.76 11.48
CA LYS D 188 9.76 -5.06 10.36
C LYS D 188 9.72 -3.84 9.44
N VAL D 189 10.58 -2.87 9.71
CA VAL D 189 10.59 -1.62 8.94
C VAL D 189 11.31 -1.84 7.63
N ILE D 190 10.64 -1.52 6.52
CA ILE D 190 11.21 -1.65 5.19
C ILE D 190 11.32 -0.24 4.60
N ILE D 191 12.52 0.13 4.20
CA ILE D 191 12.78 1.43 3.58
C ILE D 191 13.35 1.18 2.19
N VAL D 192 12.69 1.73 1.17
CA VAL D 192 13.07 1.47 -0.21
C VAL D 192 13.20 2.78 -0.97
N GLN D 193 13.98 2.73 -2.04
CA GLN D 193 14.02 3.78 -3.05
C GLN D 193 14.05 3.15 -4.43
N ALA D 194 13.11 3.55 -5.27
CA ALA D 194 13.01 3.09 -6.65
C ALA D 194 11.96 3.94 -7.35
N ALA D 195 11.86 3.75 -8.67
CA ALA D 195 10.82 4.39 -9.45
C ALA D 195 9.59 3.48 -9.51
N ARG D 196 8.47 4.06 -9.93
CA ARG D 196 7.24 3.30 -10.02
C ARG D 196 6.59 3.31 -11.40
N GLY D 197 6.52 4.45 -12.07
CA GLY D 197 5.78 4.51 -13.31
C GLY D 197 6.33 5.40 -14.41
N ALA D 198 7.53 5.94 -14.22
CA ALA D 198 8.21 6.83 -15.17
C ALA D 198 7.46 8.13 -15.39
N ASN D 199 6.48 8.46 -14.55
CA ASN D 199 5.76 9.72 -14.65
C ASN D 199 6.28 10.68 -13.59
N ARG D 200 6.68 11.88 -14.01
CA ARG D 200 7.14 12.89 -13.07
C ARG D 200 6.01 13.23 -12.10
N GLY D 201 6.32 13.19 -10.81
CA GLY D 201 5.33 13.45 -9.79
C GLY D 201 5.07 14.91 -9.56
N GLU D 202 4.90 15.68 -10.63
CA GLU D 202 4.68 17.11 -10.54
C GLU D 202 3.56 17.51 -11.48
N LEU D 203 2.89 18.61 -11.12
CA LEU D 203 1.85 19.18 -11.96
C LEU D 203 1.86 20.69 -11.80
N TRP D 204 1.63 21.39 -12.90
CA TRP D 204 1.57 22.85 -12.91
C TRP D 204 0.11 23.26 -12.90
N VAL D 205 -0.35 23.77 -11.75
CA VAL D 205 -1.76 24.09 -11.54
C VAL D 205 -1.86 25.51 -11.00
N ARG D 206 -2.71 26.31 -11.62
CA ARG D 206 -2.90 27.69 -11.21
C ARG D 206 -3.86 27.78 -10.02
N ASP D 207 -3.91 28.95 -9.40
CA ASP D 207 -4.73 29.21 -8.23
C ASP D 207 -4.42 28.24 -7.09
N ALA E 5 2.16 -25.34 23.98
CA ALA E 5 0.99 -24.46 23.86
C ALA E 5 0.87 -23.89 22.46
N VAL E 6 -0.34 -23.94 21.91
CA VAL E 6 -0.62 -23.43 20.57
C VAL E 6 -1.74 -22.41 20.67
N TYR E 7 -1.58 -21.28 19.97
CA TYR E 7 -2.57 -20.22 20.00
C TYR E 7 -2.51 -19.43 18.70
N LYS E 8 -3.59 -18.71 18.43
CA LYS E 8 -3.76 -18.04 17.14
C LYS E 8 -2.83 -16.84 17.00
N THR E 9 -2.54 -16.51 15.73
CA THR E 9 -1.79 -15.30 15.40
C THR E 9 -2.02 -14.99 13.93
N HIS E 10 -1.75 -13.74 13.56
CA HIS E 10 -1.94 -13.31 12.18
C HIS E 10 -0.73 -13.69 11.33
N VAL E 11 -1.01 -14.01 10.06
CA VAL E 11 0.06 -14.34 9.13
C VAL E 11 0.94 -13.13 8.88
N GLU E 12 0.32 -11.97 8.63
CA GLU E 12 1.04 -10.73 8.40
C GLU E 12 0.65 -9.71 9.46
N LYS E 13 1.65 -9.15 10.14
CA LYS E 13 1.41 -8.18 11.20
C LYS E 13 2.73 -7.50 11.53
N ASP E 14 2.62 -6.29 12.07
CA ASP E 14 3.78 -5.50 12.49
C ASP E 14 4.73 -5.25 11.32
N PHE E 15 4.19 -4.61 10.29
CA PHE E 15 4.92 -4.28 9.08
C PHE E 15 4.77 -2.80 8.78
N ILE E 16 5.78 -2.25 8.11
CA ILE E 16 5.70 -0.88 7.61
C ILE E 16 6.71 -0.72 6.47
N ALA E 17 6.27 -0.13 5.36
CA ALA E 17 7.12 0.11 4.20
C ALA E 17 7.06 1.59 3.85
N PHE E 18 8.21 2.24 3.82
CA PHE E 18 8.30 3.65 3.48
C PHE E 18 8.81 3.75 2.05
N CYS E 19 7.89 3.75 1.10
CA CYS E 19 8.25 3.87 -0.30
C CYS E 19 8.84 5.23 -0.59
N SER E 20 9.72 5.29 -1.61
CA SER E 20 10.39 6.54 -1.93
C SER E 20 9.44 7.56 -2.55
N SER E 21 8.43 7.12 -3.29
CA SER E 21 7.54 8.03 -3.98
C SER E 21 6.15 7.40 -4.03
N THR E 22 5.21 8.17 -4.58
CA THR E 22 3.85 7.69 -4.74
C THR E 22 3.86 6.69 -5.91
N PRO E 23 2.80 5.91 -6.06
CA PRO E 23 2.74 4.97 -7.19
C PRO E 23 2.65 5.75 -8.48
N HIS E 24 3.20 5.16 -9.55
CA HIS E 24 3.28 5.79 -10.86
C HIS E 24 4.06 7.10 -10.80
N ASN E 25 5.14 7.13 -10.02
CA ASN E 25 5.99 8.31 -9.95
C ASN E 25 7.46 7.92 -10.08
N VAL E 26 8.35 8.89 -9.90
CA VAL E 26 9.78 8.71 -10.06
C VAL E 26 10.50 9.29 -8.86
N SER E 27 11.53 8.59 -8.39
CA SER E 27 12.40 9.08 -7.34
C SER E 27 13.64 9.72 -7.95
N TRP E 28 14.13 10.76 -7.28
CA TRP E 28 15.27 11.53 -7.78
C TRP E 28 16.49 11.30 -6.89
N ARG E 29 17.66 11.27 -7.52
CA ARG E 29 18.92 11.06 -6.82
C ARG E 29 19.94 12.08 -7.29
N ASP E 30 20.67 12.65 -6.33
CA ASP E 30 21.73 13.61 -6.62
C ASP E 30 23.06 12.87 -6.59
N SER E 31 23.83 13.01 -7.68
CA SER E 31 25.09 12.30 -7.82
C SER E 31 26.23 12.94 -7.04
N THR E 32 25.94 13.88 -6.14
CA THR E 32 26.96 14.52 -5.33
C THR E 32 26.75 14.27 -3.85
N MET E 33 25.53 14.44 -3.34
CA MET E 33 25.22 14.21 -1.93
C MET E 33 24.30 13.02 -1.72
N GLY E 34 24.12 12.17 -2.73
CA GLY E 34 23.27 11.01 -2.60
C GLY E 34 21.81 11.31 -2.93
N SER E 35 20.99 10.28 -2.78
CA SER E 35 19.56 10.42 -3.05
C SER E 35 18.92 11.37 -2.05
N ILE E 36 18.01 12.21 -2.54
CA ILE E 36 17.38 13.22 -1.69
C ILE E 36 16.53 12.55 -0.61
N PHE E 37 15.86 11.45 -0.96
CA PHE E 37 14.99 10.77 0.00
C PHE E 37 15.78 10.31 1.22
N ILE E 38 16.86 9.56 1.00
CA ILE E 38 17.65 9.06 2.13
C ILE E 38 18.37 10.21 2.82
N THR E 39 18.78 11.24 2.07
CA THR E 39 19.45 12.38 2.69
C THR E 39 18.53 13.08 3.69
N GLN E 40 17.26 13.26 3.34
CA GLN E 40 16.30 13.81 4.29
C GLN E 40 15.95 12.83 5.39
N LEU E 41 15.91 11.53 5.05
CA LEU E 41 15.57 10.51 6.05
C LEU E 41 16.60 10.47 7.17
N ILE E 42 17.89 10.53 6.82
CA ILE E 42 18.94 10.53 7.83
C ILE E 42 18.84 11.78 8.70
N THR E 43 18.57 12.93 8.10
CA THR E 43 18.45 14.15 8.88
C THR E 43 17.30 14.06 9.86
N CYS E 44 16.15 13.57 9.41
CA CYS E 44 14.99 13.45 10.30
C CYS E 44 15.24 12.42 11.40
N PHE E 45 15.91 11.32 11.06
CA PHE E 45 16.26 10.34 12.10
C PHE E 45 17.22 10.92 13.12
N GLN E 46 18.20 11.72 12.67
CA GLN E 46 19.20 12.28 13.55
C GLN E 46 18.67 13.43 14.39
N LYS E 47 17.60 14.10 13.95
CA LYS E 47 17.07 15.23 14.68
C LYS E 47 15.81 14.95 15.50
N TYR E 48 14.96 14.00 15.07
CA TYR E 48 13.65 13.83 15.67
C TYR E 48 13.46 12.51 16.41
N SER E 49 14.31 11.51 16.20
CA SER E 49 14.08 10.20 16.80
C SER E 49 14.11 10.24 18.32
N TRP E 50 14.79 11.22 18.90
CA TRP E 50 14.89 11.27 20.37
C TRP E 50 13.55 11.54 21.02
N CYS E 51 12.63 12.19 20.31
CA CYS E 51 11.32 12.54 20.87
C CYS E 51 10.15 12.12 19.99
N CYS E 52 10.40 11.42 18.88
CA CYS E 52 9.32 11.01 17.98
C CYS E 52 9.51 9.54 17.61
N HIS E 53 8.40 8.83 17.48
CA HIS E 53 8.46 7.42 17.10
C HIS E 53 8.73 7.30 15.59
N LEU E 54 8.77 6.07 15.11
CA LEU E 54 9.05 5.83 13.69
C LEU E 54 7.97 6.43 12.81
N GLU E 55 6.71 6.28 13.20
CA GLU E 55 5.62 6.87 12.42
C GLU E 55 5.71 8.39 12.40
N GLU E 56 6.01 8.98 13.56
CA GLU E 56 6.17 10.45 13.64
C GLU E 56 7.32 10.88 12.73
N VAL E 57 8.44 10.16 12.77
CA VAL E 57 9.60 10.51 11.96
C VAL E 57 9.25 10.42 10.48
N PHE E 58 8.53 9.38 10.08
CA PHE E 58 8.11 9.26 8.68
C PHE E 58 7.17 10.39 8.29
N ARG E 59 6.27 10.78 9.20
CA ARG E 59 5.39 11.91 8.91
C ARG E 59 6.18 13.20 8.75
N LYS E 60 7.22 13.40 9.57
CA LYS E 60 8.08 14.56 9.40
C LYS E 60 8.80 14.53 8.06
N VAL E 61 9.28 13.35 7.66
CA VAL E 61 9.92 13.21 6.35
C VAL E 61 8.95 13.61 5.24
N GLN E 62 7.71 13.12 5.32
CA GLN E 62 6.72 13.44 4.30
C GLN E 62 6.38 14.94 4.31
N GLN E 63 6.25 15.53 5.50
CA GLN E 63 5.93 16.95 5.59
C GLN E 63 7.04 17.80 4.99
N SER E 64 8.29 17.39 5.20
CA SER E 64 9.41 18.13 4.63
C SER E 64 9.37 18.14 3.11
N PHE E 65 8.62 17.22 2.49
CA PHE E 65 8.48 17.15 1.04
C PHE E 65 7.19 17.77 0.55
N GLU E 66 6.47 18.51 1.40
CA GLU E 66 5.18 19.06 1.02
C GLU E 66 5.32 20.05 -0.15
N THR E 67 6.01 21.15 0.08
CA THR E 67 6.22 22.14 -0.97
C THR E 67 7.35 21.69 -1.88
N PRO E 68 7.08 21.49 -3.17
CA PRO E 68 8.14 20.98 -4.05
C PRO E 68 9.26 21.97 -4.30
N ARG E 69 10.48 21.61 -3.90
CA ARG E 69 11.67 22.37 -4.22
C ARG E 69 12.40 21.64 -5.35
N ALA E 70 12.67 22.36 -6.44
CA ALA E 70 13.24 21.78 -7.66
C ALA E 70 12.32 20.66 -8.12
N LYS E 71 12.78 19.43 -8.27
CA LYS E 71 11.90 18.35 -8.67
C LYS E 71 10.94 17.99 -7.53
N ALA E 72 9.80 17.40 -7.90
CA ALA E 72 8.72 17.12 -6.97
C ALA E 72 8.56 15.62 -6.79
N GLN E 73 8.53 15.18 -5.52
CA GLN E 73 8.27 13.79 -5.20
C GLN E 73 7.75 13.73 -3.78
N MET E 74 7.07 12.63 -3.46
CA MET E 74 6.50 12.47 -2.13
C MET E 74 6.53 11.01 -1.69
N PRO E 75 7.32 10.68 -0.67
CA PRO E 75 7.32 9.31 -0.16
C PRO E 75 5.99 8.94 0.49
N THR E 76 5.66 7.65 0.41
CA THR E 76 4.41 7.14 0.95
C THR E 76 4.70 5.96 1.88
N ILE E 77 3.76 5.71 2.80
CA ILE E 77 3.86 4.61 3.74
C ILE E 77 2.88 3.52 3.34
N GLU E 78 3.34 2.55 2.57
CA GLU E 78 2.49 1.50 2.04
C GLU E 78 2.52 0.27 2.93
N ARG E 79 1.37 -0.42 2.99
CA ARG E 79 1.23 -1.72 3.67
C ARG E 79 1.63 -1.61 5.14
N LEU E 80 0.96 -0.72 5.86
CA LEU E 80 1.25 -0.46 7.26
C LEU E 80 0.36 -1.38 8.11
N SER E 81 0.96 -2.45 8.64
CA SER E 81 0.25 -3.39 9.51
C SER E 81 0.64 -3.22 10.97
N MET E 82 1.40 -2.18 11.30
CA MET E 82 1.88 -1.99 12.67
C MET E 82 0.70 -1.77 13.62
N THR E 83 0.76 -2.45 14.76
CA THR E 83 -0.32 -2.37 15.75
C THR E 83 0.04 -1.48 16.94
N ARG E 84 1.33 -1.23 17.17
CA ARG E 84 1.75 -0.43 18.31
C ARG E 84 2.64 0.72 17.82
N TYR E 85 3.27 1.43 18.74
CA TYR E 85 4.15 2.54 18.41
C TYR E 85 5.60 2.11 18.57
N PHE E 86 6.40 2.36 17.54
CA PHE E 86 7.78 1.91 17.49
C PHE E 86 8.71 3.08 17.82
N TYR E 87 9.36 3.01 18.97
CA TYR E 87 10.34 4.01 19.38
C TYR E 87 11.73 3.40 19.24
N LEU E 88 12.57 4.03 18.41
CA LEU E 88 13.92 3.50 18.21
C LEU E 88 14.75 3.59 19.48
N PHE E 89 14.58 4.68 20.24
CA PHE E 89 15.33 4.93 21.47
C PHE E 89 16.83 4.88 21.19
N PRO E 90 17.40 5.88 20.51
CA PRO E 90 18.83 5.83 20.18
C PRO E 90 19.69 5.74 21.44
N GLY E 91 20.41 4.63 21.56
CA GLY E 91 21.35 4.46 22.64
C GLY E 91 20.74 4.41 24.02
N ASN E 92 19.44 4.19 24.12
CA ASN E 92 18.77 4.13 25.42
C ASN E 92 17.43 3.42 25.31
N VAL F 1 1.43 6.77 -21.74
CA VAL F 1 2.32 7.48 -20.82
C VAL F 1 2.22 8.98 -21.04
N GLU F 2 2.02 9.72 -19.96
CA GLU F 2 1.91 11.18 -20.01
C GLU F 2 3.32 11.78 -19.95
N ASP F 3 3.99 11.74 -21.10
CA ASP F 3 5.37 12.20 -21.18
C ASP F 3 5.44 13.71 -20.97
N ASN F 4 6.38 14.13 -20.13
CA ASN F 4 6.65 15.55 -19.88
C ASN F 4 8.14 15.79 -19.97
N CYS F 5 8.51 17.00 -20.38
CA CYS F 5 9.91 17.33 -20.65
C CYS F 5 10.22 18.69 -20.04
N ILE F 6 11.33 19.28 -20.46
CA ILE F 6 11.86 20.54 -19.94
C ILE F 6 10.78 21.62 -19.93
N ASN F 7 10.83 22.52 -18.95
CA ASN F 7 9.74 23.45 -18.72
C ASN F 7 10.10 24.91 -19.00
N PHE F 8 11.26 25.35 -18.53
CA PHE F 8 11.64 26.77 -18.40
C PHE F 8 10.82 27.47 -17.33
N VAL F 9 11.38 28.52 -16.74
CA VAL F 9 10.70 29.35 -15.76
C VAL F 9 10.58 30.79 -16.24
N ALA F 10 11.72 31.46 -16.42
CA ALA F 10 11.73 32.85 -16.89
C ALA F 10 13.15 33.30 -17.23
N MET F 11 13.28 34.13 -18.26
CA MET F 11 14.57 34.72 -18.60
C MET F 11 14.24 35.89 -19.53
N LYS F 12 15.20 36.79 -19.72
CA LYS F 12 14.98 38.04 -20.43
C LYS F 12 15.59 37.97 -21.83
N PHE F 13 15.63 39.12 -22.50
CA PHE F 13 16.26 39.26 -23.80
C PHE F 13 17.65 39.85 -23.62
N ILE F 14 18.62 39.32 -24.36
CA ILE F 14 19.99 39.83 -24.34
C ILE F 14 20.47 39.99 -25.78
N ASP F 15 20.95 41.20 -26.10
CA ASP F 15 21.56 41.51 -27.39
C ASP F 15 20.61 41.18 -28.55
N ASN F 16 19.35 41.61 -28.42
CA ASN F 16 18.36 41.52 -29.49
C ASN F 16 18.17 40.05 -29.90
N THR F 17 18.27 39.16 -28.91
CA THR F 17 18.02 37.73 -29.07
C THR F 17 17.36 37.24 -27.79
N LEU F 18 16.43 36.31 -27.93
CA LEU F 18 15.65 35.82 -26.80
C LEU F 18 16.32 34.59 -26.19
N TYR F 19 16.61 34.66 -24.89
CA TYR F 19 17.06 33.55 -24.09
C TYR F 19 15.94 33.07 -23.17
N PHE F 20 16.00 31.79 -22.80
CA PHE F 20 15.06 31.22 -21.84
C PHE F 20 15.77 30.12 -21.05
N ILE F 21 15.73 30.22 -19.72
CA ILE F 21 16.40 29.25 -18.86
C ILE F 21 15.36 28.29 -18.30
N ALA F 22 15.85 27.15 -17.82
CA ALA F 22 15.03 26.11 -17.22
C ALA F 22 15.29 26.04 -15.72
N GLU F 23 14.68 25.05 -15.07
CA GLU F 23 14.88 24.87 -13.64
C GLU F 23 16.28 24.30 -13.39
N ASP F 24 16.67 24.27 -12.12
CA ASP F 24 18.02 23.84 -11.73
C ASP F 24 18.03 22.33 -11.57
N ASP F 25 18.63 21.63 -12.54
CA ASP F 25 18.91 20.20 -12.41
C ASP F 25 20.40 20.04 -12.12
N GLU F 26 20.75 20.17 -10.84
CA GLU F 26 22.14 20.02 -10.39
C GLU F 26 22.47 18.53 -10.29
N ASN F 27 22.63 17.91 -11.46
CA ASN F 27 23.02 16.51 -11.60
C ASN F 27 22.01 15.55 -10.99
N LEU F 28 20.75 15.96 -10.87
CA LEU F 28 19.71 15.05 -10.41
C LEU F 28 19.43 14.00 -11.48
N GLU F 29 19.34 12.74 -11.06
CA GLU F 29 19.08 11.64 -11.97
C GLU F 29 17.90 10.81 -11.46
N SER F 30 17.16 10.24 -12.41
CA SER F 30 16.00 9.44 -12.10
C SER F 30 16.42 8.01 -11.74
N ASP F 31 15.47 7.26 -11.18
CA ASP F 31 15.67 5.86 -10.85
C ASP F 31 14.89 4.94 -11.78
N TYR F 32 14.66 5.38 -13.01
CA TYR F 32 13.99 4.59 -14.04
C TYR F 32 14.93 4.48 -15.25
N PHE F 33 14.68 3.46 -16.06
CA PHE F 33 15.64 2.96 -17.04
C PHE F 33 15.75 4.04 -18.11
N GLY F 34 16.69 4.96 -17.90
CA GLY F 34 16.99 5.97 -18.91
C GLY F 34 15.78 6.72 -19.44
N LYS F 35 15.64 6.71 -20.77
CA LYS F 35 14.60 7.44 -21.49
C LYS F 35 14.74 8.92 -21.12
N LEU F 36 13.70 9.51 -20.53
CA LEU F 36 13.79 10.93 -20.06
C LEU F 36 14.12 11.89 -21.21
N GLU F 37 13.90 11.47 -22.46
CA GLU F 37 14.13 12.34 -23.60
C GLU F 37 13.09 13.45 -23.66
N SER F 38 13.49 14.58 -24.25
CA SER F 38 12.66 15.77 -24.28
C SER F 38 11.96 15.87 -25.64
N LYS F 39 10.65 16.13 -25.60
CA LYS F 39 9.84 16.29 -26.80
C LYS F 39 9.14 17.65 -26.86
N LEU F 40 8.57 18.10 -25.75
CA LEU F 40 7.82 19.35 -25.71
C LEU F 40 8.20 20.16 -24.48
N SER F 41 8.04 21.48 -24.59
CA SER F 41 8.39 22.41 -23.53
C SER F 41 7.34 23.51 -23.49
N VAL F 42 6.60 23.59 -22.38
CA VAL F 42 5.37 24.37 -22.36
C VAL F 42 5.21 25.36 -21.21
N ILE F 43 5.94 25.16 -20.11
CA ILE F 43 5.55 25.74 -18.83
C ILE F 43 6.16 27.14 -18.73
N ARG F 44 5.32 28.11 -18.46
CA ARG F 44 5.74 29.49 -18.18
C ARG F 44 4.71 30.11 -17.25
N ASN F 45 4.71 31.46 -17.18
CA ASN F 45 3.77 32.23 -16.39
C ASN F 45 3.95 32.02 -14.88
N LEU F 46 5.17 31.70 -14.46
CA LEU F 46 5.49 31.62 -13.03
C LEU F 46 5.63 33.04 -12.50
N ASN F 47 4.56 33.57 -11.94
CA ASN F 47 4.50 34.95 -11.46
C ASN F 47 4.82 35.93 -12.58
N THR F 76 10.88 39.71 -20.76
CA THR F 76 10.52 39.05 -19.51
C THR F 76 9.00 38.96 -19.35
N ILE F 77 8.28 39.34 -20.40
CA ILE F 77 6.83 39.36 -20.36
C ILE F 77 6.26 38.40 -21.40
N PHE F 78 6.86 38.38 -22.59
CA PHE F 78 6.45 37.49 -23.68
C PHE F 78 5.00 37.78 -24.03
N ILE F 79 4.74 38.97 -24.58
CA ILE F 79 3.37 39.37 -24.90
C ILE F 79 2.81 38.46 -25.99
N ILE F 80 1.57 38.02 -25.79
CA ILE F 80 0.84 37.21 -26.76
C ILE F 80 -0.52 37.84 -27.00
N SER F 81 -0.88 38.01 -28.27
CA SER F 81 -2.16 38.61 -28.62
C SER F 81 -2.85 37.77 -29.68
N MET F 82 -4.17 37.83 -29.69
CA MET F 82 -4.99 37.09 -30.65
C MET F 82 -5.59 38.04 -31.68
N TYR F 83 -5.71 37.55 -32.91
CA TYR F 83 -6.21 38.33 -34.02
C TYR F 83 -7.25 37.52 -34.79
N LYS F 84 -8.31 38.20 -35.23
CA LYS F 84 -9.32 37.59 -36.08
C LYS F 84 -9.06 37.96 -37.53
N ASP F 85 -9.16 36.97 -38.42
CA ASP F 85 -8.85 37.13 -39.83
C ASP F 85 -10.13 37.05 -40.65
N SER F 86 -10.21 37.89 -41.68
CA SER F 86 -11.33 37.84 -42.62
C SER F 86 -11.27 36.61 -43.52
N GLN F 87 -10.16 35.87 -43.49
CA GLN F 87 -10.00 34.64 -44.25
C GLN F 87 -9.67 33.53 -43.25
N PRO F 88 -10.70 32.96 -42.61
CA PRO F 88 -10.46 32.03 -41.49
C PRO F 88 -9.72 30.77 -41.91
N ARG F 89 -8.48 30.63 -41.42
CA ARG F 89 -7.69 29.42 -41.65
C ARG F 89 -6.94 29.03 -40.37
N GLY F 90 -7.48 29.38 -39.22
CA GLY F 90 -6.82 29.14 -37.95
C GLY F 90 -6.71 30.43 -37.15
N MET F 91 -6.43 30.30 -35.86
CA MET F 91 -6.35 31.45 -34.98
C MET F 91 -5.05 32.19 -35.23
N ALA F 92 -5.13 33.48 -35.53
CA ALA F 92 -3.94 34.31 -35.71
C ALA F 92 -3.44 34.78 -34.36
N VAL F 93 -2.15 34.52 -34.08
CA VAL F 93 -1.54 34.81 -32.79
C VAL F 93 -0.23 35.54 -33.05
N THR F 94 0.01 36.60 -32.28
CA THR F 94 1.25 37.35 -32.39
C THR F 94 2.10 37.19 -31.14
N ILE F 95 3.42 37.25 -31.31
CA ILE F 95 4.38 37.17 -30.21
C ILE F 95 5.16 38.48 -30.16
N SER F 96 5.31 39.01 -28.95
CA SER F 96 6.14 40.18 -28.72
C SER F 96 6.73 40.08 -27.33
N VAL F 97 7.84 40.79 -27.13
CA VAL F 97 8.53 40.82 -25.84
C VAL F 97 8.67 42.28 -25.42
N LYS F 98 8.86 42.49 -24.11
CA LYS F 98 8.95 43.84 -23.59
C LYS F 98 10.41 44.26 -23.50
N CYS F 99 10.69 45.47 -23.97
CA CYS F 99 12.04 46.05 -23.93
C CYS F 99 11.90 47.53 -23.59
N GLU F 100 12.97 48.29 -23.79
CA GLU F 100 12.85 49.74 -23.78
C GLU F 100 11.90 50.19 -24.88
N LYS F 101 11.94 49.50 -26.02
CA LYS F 101 10.93 49.62 -27.06
C LYS F 101 10.48 48.20 -27.43
N ILE F 102 9.15 47.99 -27.42
CA ILE F 102 8.62 46.64 -27.57
C ILE F 102 9.02 46.05 -28.92
N SER F 103 9.56 44.84 -28.88
CA SER F 103 10.02 44.13 -30.08
C SER F 103 9.02 43.06 -30.46
N THR F 104 8.96 42.76 -31.76
CA THR F 104 8.02 41.79 -32.30
C THR F 104 8.77 40.74 -33.12
N LEU F 105 8.41 39.47 -32.94
CA LEU F 105 9.01 38.40 -33.71
C LEU F 105 8.63 38.54 -35.18
N SER F 106 9.56 38.18 -36.06
CA SER F 106 9.34 38.30 -37.49
C SER F 106 10.01 37.14 -38.22
N CYS F 107 9.44 36.77 -39.36
CA CYS F 107 10.01 35.79 -40.27
C CYS F 107 10.12 36.36 -41.69
N GLU F 108 10.30 37.68 -41.78
CA GLU F 108 10.39 38.34 -43.08
C GLU F 108 11.62 37.86 -43.84
N ASN F 109 11.45 37.65 -45.15
CA ASN F 109 12.51 37.19 -46.04
C ASN F 109 13.08 35.83 -45.60
N LYS F 110 12.22 35.00 -44.99
CA LYS F 110 12.58 33.64 -44.60
C LYS F 110 13.74 33.59 -43.61
N ILE F 111 13.89 34.64 -42.80
CA ILE F 111 14.92 34.69 -41.77
C ILE F 111 14.30 35.21 -40.48
N ILE F 112 14.96 34.90 -39.37
CA ILE F 112 14.49 35.24 -38.03
C ILE F 112 15.02 36.61 -37.64
N SER F 113 14.15 37.43 -37.06
CA SER F 113 14.54 38.77 -36.64
C SER F 113 13.53 39.30 -35.63
N PHE F 114 13.98 40.21 -34.77
CA PHE F 114 13.13 40.91 -33.82
C PHE F 114 12.99 42.35 -34.27
N LYS F 115 11.77 42.78 -34.58
CA LYS F 115 11.51 44.14 -35.01
C LYS F 115 10.88 44.93 -33.86
N GLU F 116 11.48 46.06 -33.52
CA GLU F 116 11.06 46.86 -32.37
C GLU F 116 9.95 47.83 -32.78
N MET F 117 8.95 47.27 -33.46
CA MET F 117 7.79 48.04 -33.93
C MET F 117 6.54 47.40 -33.33
N ASN F 118 5.74 48.21 -32.64
CA ASN F 118 4.47 47.75 -32.09
C ASN F 118 3.49 47.45 -33.22
N PRO F 119 2.65 46.43 -33.08
CA PRO F 119 1.66 46.13 -34.13
C PRO F 119 0.71 47.29 -34.34
N PRO F 120 0.34 47.58 -35.59
CA PRO F 120 -0.57 48.71 -35.86
C PRO F 120 -2.03 48.37 -35.59
N ASP F 121 -2.31 48.06 -34.33
CA ASP F 121 -3.66 47.68 -33.86
C ASP F 121 -4.10 46.46 -34.69
N ASN F 122 -5.34 46.43 -35.18
CA ASN F 122 -5.80 45.32 -36.00
C ASN F 122 -5.14 45.39 -37.37
N ILE F 123 -4.38 44.36 -37.73
CA ILE F 123 -3.68 44.34 -39.01
C ILE F 123 -4.68 44.21 -40.14
N LYS F 124 -4.31 44.73 -41.31
CA LYS F 124 -5.15 44.69 -42.49
C LYS F 124 -4.68 43.65 -43.50
N ASP F 125 -3.41 43.68 -43.89
CA ASP F 125 -2.88 42.68 -44.82
C ASP F 125 -2.70 41.34 -44.10
N THR F 126 -3.23 40.28 -44.71
CA THR F 126 -3.14 38.96 -44.11
C THR F 126 -1.69 38.49 -44.03
N LYS F 127 -0.90 38.71 -45.09
CA LYS F 127 0.49 38.28 -45.12
C LYS F 127 1.31 39.26 -44.29
N SER F 128 1.41 38.98 -43.00
CA SER F 128 2.15 39.82 -42.07
C SER F 128 2.97 38.95 -41.14
N ASP F 129 4.19 39.39 -40.84
CA ASP F 129 5.07 38.63 -39.95
C ASP F 129 4.57 38.62 -38.52
N ILE F 130 3.68 39.54 -38.15
CA ILE F 130 3.25 39.66 -36.76
C ILE F 130 2.41 38.45 -36.37
N ILE F 131 1.45 38.07 -37.20
CA ILE F 131 0.48 37.03 -36.85
C ILE F 131 1.08 35.65 -37.12
N PHE F 132 0.63 34.68 -36.33
CA PHE F 132 1.06 33.30 -36.46
C PHE F 132 -0.13 32.38 -36.25
N PHE F 133 -0.09 31.21 -36.89
CA PHE F 133 -1.16 30.23 -36.74
C PHE F 133 -0.82 29.27 -35.60
N GLN F 134 -1.81 28.99 -34.77
CA GLN F 134 -1.65 28.07 -33.66
C GLN F 134 -2.34 26.74 -33.96
N ARG F 135 -1.60 25.65 -33.79
CA ARG F 135 -2.09 24.31 -34.08
C ARG F 135 -2.01 23.47 -32.81
N SER F 136 -3.06 22.69 -32.54
CA SER F 136 -3.11 21.88 -31.33
C SER F 136 -2.07 20.76 -31.37
N VAL F 137 -1.75 20.23 -30.20
CA VAL F 137 -0.71 19.21 -30.06
C VAL F 137 -1.36 17.86 -29.79
N PRO F 138 -0.72 16.75 -30.16
CA PRO F 138 -1.22 15.44 -29.74
C PRO F 138 -1.11 15.20 -28.24
N GLY F 139 -0.31 15.97 -27.53
CA GLY F 139 -0.10 15.75 -26.11
C GLY F 139 -1.11 16.41 -25.20
N HIS F 140 -2.04 15.61 -24.68
CA HIS F 140 -3.00 16.02 -23.65
C HIS F 140 -4.02 17.02 -24.17
N ASP F 141 -3.88 17.44 -25.44
CA ASP F 141 -4.82 18.38 -26.06
C ASP F 141 -4.97 19.65 -25.24
N ASN F 142 -3.86 20.11 -24.66
CA ASN F 142 -3.84 21.35 -23.89
C ASN F 142 -2.83 22.36 -24.41
N LYS F 143 -1.86 21.89 -25.20
CA LYS F 143 -0.80 22.80 -25.70
C LYS F 143 -0.98 23.06 -27.19
N MET F 144 -0.35 24.11 -27.72
CA MET F 144 -0.40 24.44 -29.14
C MET F 144 0.90 25.08 -29.57
N GLN F 145 1.39 24.71 -30.74
CA GLN F 145 2.58 25.33 -31.32
C GLN F 145 2.18 26.53 -32.17
N PHE F 146 3.19 27.23 -32.69
CA PHE F 146 3.00 28.41 -33.52
C PHE F 146 3.51 28.13 -34.93
N GLU F 147 2.80 28.68 -35.91
CA GLU F 147 3.13 28.49 -37.32
C GLU F 147 3.20 29.85 -38.01
N SER F 148 4.24 30.07 -38.80
CA SER F 148 4.42 31.34 -39.47
C SER F 148 3.31 31.59 -40.49
N SER F 149 2.85 32.84 -40.57
CA SER F 149 1.83 33.23 -41.52
C SER F 149 2.39 33.93 -42.74
N SER F 150 3.61 34.48 -42.67
CA SER F 150 4.24 35.10 -43.83
C SER F 150 4.81 34.08 -44.80
N TYR F 151 5.00 32.84 -44.37
CA TYR F 151 5.50 31.78 -45.22
C TYR F 151 4.80 30.48 -44.86
N GLU F 152 4.74 29.57 -45.82
CA GLU F 152 4.08 28.28 -45.66
C GLU F 152 5.14 27.20 -45.54
N GLY F 153 5.14 26.50 -44.40
CA GLY F 153 6.08 25.43 -44.18
C GLY F 153 7.00 25.64 -42.99
N TYR F 154 7.18 26.91 -42.61
CA TYR F 154 8.04 27.22 -41.48
C TYR F 154 7.37 26.83 -40.16
N PHE F 155 8.17 26.78 -39.10
CA PHE F 155 7.69 26.38 -37.79
C PHE F 155 8.57 26.99 -36.71
N LEU F 156 8.00 27.16 -35.53
CA LEU F 156 8.70 27.77 -34.40
C LEU F 156 9.21 26.68 -33.47
N ALA F 157 10.48 26.79 -33.07
CA ALA F 157 11.11 25.80 -32.21
C ALA F 157 12.12 26.48 -31.31
N CYS F 158 12.56 25.74 -30.29
CA CYS F 158 13.57 26.23 -29.35
C CYS F 158 14.57 25.10 -29.11
N GLU F 159 15.80 25.29 -29.58
CA GLU F 159 16.81 24.25 -29.53
C GLU F 159 17.84 24.50 -28.42
N LYS F 160 18.56 23.43 -28.09
CA LYS F 160 19.54 23.44 -27.00
C LYS F 160 20.87 23.94 -27.54
N GLU F 161 21.18 25.22 -27.28
CA GLU F 161 22.44 25.82 -27.69
C GLU F 161 23.22 26.22 -26.45
N ARG F 162 24.42 25.66 -26.30
CA ARG F 162 25.33 26.02 -25.22
C ARG F 162 24.70 25.78 -23.85
N ASP F 163 24.65 26.83 -23.03
CA ASP F 163 24.15 26.71 -21.66
C ASP F 163 22.65 26.97 -21.57
N LEU F 164 22.18 28.07 -22.14
CA LEU F 164 20.78 28.46 -22.14
C LEU F 164 20.09 27.90 -23.38
N PHE F 165 18.90 28.39 -23.68
CA PHE F 165 18.11 27.88 -24.79
C PHE F 165 17.88 28.95 -25.84
N LYS F 166 17.97 28.54 -27.11
CA LYS F 166 17.86 29.42 -28.26
C LYS F 166 16.49 29.24 -28.89
N LEU F 167 15.76 30.33 -29.06
CA LEU F 167 14.53 30.29 -29.86
C LEU F 167 14.95 30.52 -31.31
N ILE F 168 15.06 29.43 -32.06
CA ILE F 168 15.48 29.46 -33.45
C ILE F 168 14.41 28.77 -34.29
N LEU F 169 14.05 29.40 -35.40
CA LEU F 169 13.06 28.82 -36.30
C LEU F 169 13.65 27.60 -37.00
N LYS F 170 12.90 26.50 -36.98
CA LYS F 170 13.32 25.27 -37.65
C LYS F 170 12.13 24.65 -38.36
N LYS F 171 12.43 23.83 -39.36
CA LYS F 171 11.40 23.16 -40.15
C LYS F 171 10.97 21.89 -39.43
N GLU F 172 9.68 21.79 -39.09
CA GLU F 172 9.20 20.66 -38.31
C GLU F 172 9.23 19.36 -39.11
N ASP F 173 9.01 19.43 -40.42
CA ASP F 173 9.00 18.23 -41.24
C ASP F 173 10.37 17.56 -41.31
N GLU F 174 11.43 18.28 -40.98
CA GLU F 174 12.79 17.73 -40.99
C GLU F 174 13.25 17.53 -39.55
N LEU F 175 13.79 16.35 -39.26
CA LEU F 175 14.29 16.05 -37.92
C LEU F 175 15.69 16.63 -37.76
N GLY F 176 15.77 17.81 -37.15
CA GLY F 176 17.05 18.47 -36.94
C GLY F 176 17.44 18.53 -35.48
N ASP F 177 18.62 18.02 -35.16
CA ASP F 177 19.12 17.92 -33.78
C ASP F 177 18.08 17.14 -32.98
N ARG F 178 17.69 17.59 -31.79
CA ARG F 178 16.70 16.87 -31.00
C ARG F 178 15.27 17.25 -31.36
N SER F 179 15.08 18.32 -32.16
CA SER F 179 13.76 18.75 -32.63
C SER F 179 12.81 19.04 -31.46
N ILE F 180 13.20 20.02 -30.66
CA ILE F 180 12.41 20.44 -29.51
C ILE F 180 11.38 21.46 -29.98
N MET F 181 10.10 21.17 -29.74
CA MET F 181 9.03 22.07 -30.13
C MET F 181 8.71 23.04 -29.00
N PHE F 182 8.44 24.29 -29.35
CA PHE F 182 8.12 25.34 -28.38
C PHE F 182 6.61 25.52 -28.31
N THR F 183 5.99 24.89 -27.31
CA THR F 183 4.58 25.10 -27.07
C THR F 183 4.40 26.16 -25.98
N VAL F 184 3.15 26.40 -25.60
CA VAL F 184 2.81 27.39 -24.59
C VAL F 184 1.48 26.94 -24.00
N GLN F 185 1.35 27.09 -22.69
CA GLN F 185 0.19 26.59 -21.95
C GLN F 185 -0.94 27.62 -22.03
N ASN F 186 -2.11 27.17 -22.49
CA ASN F 186 -3.25 28.05 -22.67
C ASN F 186 -3.89 28.38 -21.33
N GLU F 187 -4.60 29.51 -21.29
CA GLU F 187 -5.35 29.89 -20.11
C GLU F 187 -6.46 28.89 -19.82
N ASP F 188 -6.71 28.63 -18.54
CA ASP F 188 -7.75 27.70 -18.14
C ASP F 188 -9.13 28.22 -18.51
#